data_4HM3
#
_entry.id   4HM3
#
_cell.length_a   139.940
_cell.length_b   139.940
_cell.length_c   208.253
_cell.angle_alpha   90.000
_cell.angle_beta   90.000
_cell.angle_gamma   120.000
#
_symmetry.space_group_name_H-M   'H 3 2'
#
loop_
_entity.id
_entity.type
_entity.pdbx_description
1 polymer 'Naphthalene 1,2-dioxygenase subunit alpha'
2 polymer 'Naphthalene 1,2-dioxygenase subunit beta'
3 non-polymer 1,2-ETHANEDIOL
4 non-polymer 'SULFATE ION'
5 non-polymer 'FE2/S2 (INORGANIC) CLUSTER'
6 non-polymer 'FE (III) ION'
7 non-polymer PHENYLETHANE
8 water water
#
loop_
_entity_poly.entity_id
_entity_poly.type
_entity_poly.pdbx_seq_one_letter_code
_entity_poly.pdbx_strand_id
1 'polypeptide(L)'
;MNYNNKILVSESGLSQKHLIHGDEELFQHELKTIFARNWLFLTHDSLIPAPGDYVTAKMGIDEVIVSRQNDGSIRAFLNV
CRHRGKTLVSVEAGNAKGFVCSYHGWGFGSNGELQSVPFEKDLYGESLNKKCLGLKEVARVESFHGFIYGCFDQEAPPLM
DYLGDAAWYLEPMFKHSGGLELVGPPGKVVIKANWKAPAENFVGDAYHVGWTHASSLRSGESIFSSLAGNAALPPEGAGL
QMTSKYGSGMGVLWDGYSGVHSADLVPELMAFGGAKQERLNKEIGDVRARIYRSHLNCTVFPNNSMLTCSGVFKVWNPID
ANTTEVWTYAIVEKDMPEDLKRRLADSVQRTFGPAGFWESDDNDNMETASQNGKKYQSRDSDLLSNLGFGEDVYGDAVYP
GVVGKSAIGETSYRGFYRAYQAHVSSSNWAEFEHASSTWHTELTKTTDR
;
A
2 'polypeptide(L)'
;MMINIQEDKLVSAHDAEEILRFFNCHDSALQQEATTLLTQEAHLLDIQAYRAWLEHCVGSEVQYQVISRELRAASERRYK
LNEAMNVYNENFQQLKVRVEHQLDPQNWGNSPKLRFTRFITNVQAAMDVNDKELLHIRSNVILHRARRGNQVDVFYAARE
DKWKRGEGGVRKLVQRFVDYPERILQTHNLMVFL
;
B
#
# COMPACT_ATOMS: atom_id res chain seq x y z
N MET A 1 -19.19 -25.98 -6.50
CA MET A 1 -17.88 -26.61 -6.49
C MET A 1 -17.65 -27.28 -5.14
N ASN A 2 -17.15 -28.51 -5.16
CA ASN A 2 -16.85 -29.23 -3.91
C ASN A 2 -15.40 -29.00 -3.49
N TYR A 3 -15.20 -28.13 -2.50
CA TYR A 3 -13.87 -27.71 -2.11
C TYR A 3 -13.08 -28.76 -1.37
N ASN A 4 -13.77 -29.83 -0.92
CA ASN A 4 -13.08 -30.95 -0.30
C ASN A 4 -12.29 -31.75 -1.32
N ASN A 5 -12.84 -31.85 -2.53
CA ASN A 5 -12.33 -32.73 -3.58
C ASN A 5 -11.64 -32.01 -4.72
N LYS A 6 -12.10 -30.81 -5.04
CA LYS A 6 -11.61 -30.08 -6.21
C LYS A 6 -10.13 -29.76 -6.07
N ILE A 7 -9.34 -30.21 -7.04
CA ILE A 7 -7.92 -29.91 -7.06
C ILE A 7 -7.75 -28.54 -7.70
N LEU A 8 -7.67 -27.51 -6.86
CA LEU A 8 -7.44 -26.15 -7.34
C LEU A 8 -5.94 -25.87 -7.48
N VAL A 9 -5.14 -26.55 -6.66
CA VAL A 9 -3.69 -26.45 -6.72
C VAL A 9 -3.14 -27.87 -6.82
N SER A 10 -2.30 -28.13 -7.81
CA SER A 10 -1.80 -29.47 -8.03
C SER A 10 -0.72 -29.83 -7.00
N GLU A 11 -0.39 -31.11 -6.94
CA GLU A 11 0.63 -31.61 -6.02
C GLU A 11 1.91 -30.77 -6.12
N SER A 12 2.49 -30.49 -4.95
CA SER A 12 3.72 -29.69 -4.81
C SER A 12 3.53 -28.22 -5.18
N GLY A 13 2.28 -27.81 -5.39
CA GLY A 13 1.99 -26.43 -5.75
C GLY A 13 2.46 -26.06 -7.14
N LEU A 14 2.57 -27.05 -8.01
CA LEU A 14 3.19 -26.84 -9.32
C LEU A 14 2.34 -26.04 -10.29
N SER A 15 1.03 -26.04 -10.07
CA SER A 15 0.11 -25.27 -10.89
C SER A 15 -1.17 -24.98 -10.12
N GLN A 16 -1.93 -24.00 -10.61
CA GLN A 16 -3.22 -23.64 -10.02
C GLN A 16 -4.21 -23.41 -11.13
N LYS A 17 -5.48 -23.75 -10.91
CA LYS A 17 -6.51 -23.48 -11.90
C LYS A 17 -6.72 -21.97 -12.00
N HIS A 18 -6.76 -21.47 -13.23
CA HIS A 18 -6.85 -20.02 -13.47
C HIS A 18 -8.11 -19.46 -12.82
N LEU A 19 -9.14 -20.29 -12.69
CA LEU A 19 -10.40 -19.84 -12.10
C LEU A 19 -10.22 -19.29 -10.68
N ILE A 20 -9.13 -19.65 -10.00
CA ILE A 20 -8.97 -19.16 -8.63
C ILE A 20 -8.91 -17.64 -8.58
N HIS A 21 -8.49 -17.00 -9.68
CA HIS A 21 -8.45 -15.54 -9.72
C HIS A 21 -9.77 -14.89 -10.12
N GLY A 22 -10.74 -15.67 -10.54
CA GLY A 22 -11.98 -15.09 -11.05
C GLY A 22 -13.28 -15.58 -10.44
N ASP A 23 -13.25 -16.70 -9.74
CA ASP A 23 -14.50 -17.37 -9.35
C ASP A 23 -15.09 -16.72 -8.09
N GLU A 24 -16.29 -16.13 -8.19
CA GLU A 24 -16.89 -15.45 -7.05
C GLU A 24 -17.35 -16.41 -5.96
N GLU A 25 -17.77 -17.62 -6.32
CA GLU A 25 -18.13 -18.59 -5.28
C GLU A 25 -16.91 -18.96 -4.46
N LEU A 26 -15.78 -19.12 -5.12
CA LEU A 26 -14.53 -19.41 -4.40
C LEU A 26 -14.12 -18.22 -3.53
N PHE A 27 -14.34 -17.01 -4.04
CA PHE A 27 -14.04 -15.83 -3.25
C PHE A 27 -14.87 -15.85 -1.97
N GLN A 28 -16.15 -16.15 -2.08
CA GLN A 28 -17.00 -16.27 -0.89
C GLN A 28 -16.47 -17.34 0.06
N HIS A 29 -16.00 -18.45 -0.50
CA HIS A 29 -15.45 -19.53 0.30
C HIS A 29 -14.14 -19.13 0.99
N GLU A 30 -13.36 -18.27 0.33
CA GLU A 30 -12.13 -17.75 0.92
C GLU A 30 -12.42 -16.86 2.11
N LEU A 31 -13.56 -16.17 2.10
CA LEU A 31 -13.89 -15.32 3.25
C LEU A 31 -13.91 -16.19 4.50
N LYS A 32 -14.47 -17.39 4.36
CA LYS A 32 -14.53 -18.36 5.46
C LYS A 32 -13.19 -19.07 5.75
N THR A 33 -12.58 -19.66 4.72
CA THR A 33 -11.43 -20.56 4.93
C THR A 33 -10.07 -19.89 4.88
N ILE A 34 -10.02 -18.66 4.35
CA ILE A 34 -8.77 -17.91 4.33
C ILE A 34 -8.83 -16.74 5.30
N PHE A 35 -9.76 -15.81 5.07
CA PHE A 35 -9.75 -14.56 5.82
C PHE A 35 -10.29 -14.66 7.25
N ALA A 36 -11.27 -15.52 7.47
CA ALA A 36 -11.81 -15.68 8.84
C ALA A 36 -10.95 -16.64 9.66
N ARG A 37 -9.98 -17.28 9.01
CA ARG A 37 -9.18 -18.29 9.68
C ARG A 37 -7.76 -17.86 10.01
N ASN A 38 -7.21 -16.95 9.20
CA ASN A 38 -5.79 -16.64 9.26
C ASN A 38 -5.46 -15.27 9.86
N TRP A 39 -4.17 -15.01 10.05
CA TRP A 39 -3.74 -13.75 10.65
C TRP A 39 -3.66 -12.65 9.60
N LEU A 40 -4.27 -11.51 9.91
CA LEU A 40 -4.39 -10.40 8.97
C LEU A 40 -3.82 -9.14 9.59
N PHE A 41 -3.13 -8.34 8.78
CA PHE A 41 -2.49 -7.15 9.31
C PHE A 41 -3.49 -6.05 9.66
N LEU A 42 -3.32 -5.47 10.84
CA LEU A 42 -4.20 -4.40 11.31
C LEU A 42 -3.54 -3.03 11.31
N THR A 43 -2.46 -2.88 12.08
CA THR A 43 -1.84 -1.57 12.28
C THR A 43 -0.48 -1.77 12.91
N HIS A 44 0.17 -0.67 13.31
CA HIS A 44 1.44 -0.72 14.00
C HIS A 44 1.32 0.09 15.28
N ASP A 45 2.10 -0.27 16.30
CA ASP A 45 2.17 0.51 17.54
C ASP A 45 2.33 2.00 17.28
N SER A 46 3.12 2.34 16.26
CA SER A 46 3.46 3.73 15.98
C SER A 46 2.27 4.54 15.50
N LEU A 47 1.21 3.85 15.09
CA LEU A 47 0.00 4.53 14.60
C LEU A 47 -1.07 4.66 15.69
N ILE A 48 -1.00 3.81 16.71
CA ILE A 48 -1.88 3.95 17.87
C ILE A 48 -1.11 3.86 19.19
N PRO A 49 -0.17 4.79 19.41
CA PRO A 49 0.73 4.62 20.56
C PRO A 49 0.13 4.93 21.93
N ALA A 50 -0.87 5.81 21.98
CA ALA A 50 -1.36 6.31 23.27
C ALA A 50 -2.73 5.72 23.58
N PRO A 51 -3.07 5.57 24.88
CA PRO A 51 -4.40 5.10 25.28
C PRO A 51 -5.50 5.91 24.60
N GLY A 52 -6.49 5.22 24.04
CA GLY A 52 -7.56 5.87 23.33
C GLY A 52 -7.32 6.02 21.83
N ASP A 53 -6.08 5.88 21.40
CA ASP A 53 -5.80 5.96 19.96
C ASP A 53 -6.46 4.79 19.25
N TYR A 54 -7.06 5.04 18.10
CA TYR A 54 -7.68 3.96 17.34
C TYR A 54 -7.50 4.18 15.84
N VAL A 55 -7.60 3.09 15.09
CA VAL A 55 -7.71 3.17 13.65
C VAL A 55 -8.80 2.21 13.20
N THR A 56 -9.30 2.38 11.98
CA THR A 56 -10.12 1.34 11.36
C THR A 56 -9.23 0.53 10.41
N ALA A 57 -9.58 -0.74 10.23
CA ALA A 57 -8.83 -1.62 9.35
C ALA A 57 -9.81 -2.59 8.72
N LYS A 58 -9.46 -3.16 7.58
CA LYS A 58 -10.25 -4.23 7.02
C LYS A 58 -9.65 -5.56 7.48
N MET A 59 -10.52 -6.54 7.73
CA MET A 59 -10.12 -7.93 7.92
C MET A 59 -10.99 -8.72 6.97
N GLY A 60 -10.44 -9.11 5.82
CA GLY A 60 -11.26 -9.62 4.74
C GLY A 60 -12.17 -8.48 4.29
N ILE A 61 -13.47 -8.76 4.14
CA ILE A 61 -14.42 -7.69 3.79
C ILE A 61 -15.02 -7.01 5.00
N ASP A 62 -14.69 -7.50 6.18
CA ASP A 62 -15.20 -6.90 7.41
C ASP A 62 -14.35 -5.71 7.79
N GLU A 63 -14.95 -4.76 8.50
CA GLU A 63 -14.20 -3.63 9.03
C GLU A 63 -14.13 -3.72 10.55
N VAL A 64 -12.96 -3.42 11.11
CA VAL A 64 -12.78 -3.45 12.56
C VAL A 64 -12.25 -2.13 13.09
N ILE A 65 -12.53 -1.87 14.37
CA ILE A 65 -11.95 -0.75 15.09
C ILE A 65 -10.81 -1.34 15.93
N VAL A 66 -9.61 -0.76 15.84
CA VAL A 66 -8.45 -1.29 16.56
C VAL A 66 -8.00 -0.22 17.54
N SER A 67 -8.09 -0.52 18.84
CA SER A 67 -7.99 0.50 19.88
C SER A 67 -6.94 0.18 20.95
N ARG A 68 -6.12 1.18 21.27
CA ARG A 68 -5.18 1.06 22.38
C ARG A 68 -5.93 1.20 23.70
N GLN A 69 -5.84 0.16 24.52
CA GLN A 69 -6.51 0.12 25.82
C GLN A 69 -5.71 0.90 26.88
N ASN A 70 -6.37 1.22 27.99
CA ASN A 70 -5.70 1.93 29.07
C ASN A 70 -4.52 1.16 29.64
N ASP A 71 -4.57 -0.16 29.56
CA ASP A 71 -3.52 -0.99 30.14
C ASP A 71 -2.35 -1.22 29.17
N GLY A 72 -2.41 -0.56 28.01
CA GLY A 72 -1.34 -0.66 27.03
C GLY A 72 -1.55 -1.75 26.01
N SER A 73 -2.56 -2.60 26.22
CA SER A 73 -2.84 -3.66 25.24
C SER A 73 -3.65 -3.10 24.09
N ILE A 74 -3.89 -3.91 23.07
CA ILE A 74 -4.71 -3.53 21.93
C ILE A 74 -5.86 -4.52 21.78
N ARG A 75 -7.07 -4.02 21.61
CA ARG A 75 -8.21 -4.87 21.32
C ARG A 75 -8.88 -4.40 20.03
N ALA A 76 -9.52 -5.32 19.31
CA ALA A 76 -10.15 -4.98 18.05
C ALA A 76 -11.57 -5.50 18.01
N PHE A 77 -12.47 -4.72 17.40
CA PHE A 77 -13.89 -5.03 17.42
C PHE A 77 -14.50 -4.76 16.06
N LEU A 78 -15.52 -5.53 15.69
CA LEU A 78 -16.30 -5.23 14.49
C LEU A 78 -16.86 -3.82 14.56
N ASN A 79 -16.73 -3.07 13.47
CA ASN A 79 -17.22 -1.70 13.39
C ASN A 79 -18.73 -1.69 13.09
N VAL A 80 -19.49 -2.35 13.96
CA VAL A 80 -20.91 -2.57 13.72
C VAL A 80 -21.64 -2.46 15.04
N CYS A 81 -22.63 -1.56 15.10
CA CYS A 81 -23.42 -1.37 16.31
C CYS A 81 -24.25 -2.61 16.68
N ARG A 82 -24.26 -2.96 17.97
CA ARG A 82 -24.96 -4.17 18.44
C ARG A 82 -26.48 -4.02 18.48
N HIS A 83 -26.98 -2.83 18.21
CA HIS A 83 -28.43 -2.59 18.20
C HIS A 83 -29.01 -2.97 16.83
N ARG A 84 -28.93 -2.07 15.86
CA ARG A 84 -29.45 -2.36 14.53
C ARG A 84 -28.43 -2.26 13.40
N GLY A 85 -27.16 -2.45 13.76
CA GLY A 85 -26.13 -2.82 12.80
C GLY A 85 -25.52 -1.72 11.97
N LYS A 86 -25.68 -0.47 12.41
CA LYS A 86 -25.11 0.67 11.72
C LYS A 86 -23.59 0.68 11.91
N THR A 87 -22.86 1.23 10.94
CA THR A 87 -21.40 1.36 11.09
C THR A 87 -21.06 2.39 12.17
N LEU A 88 -20.28 1.99 13.16
CA LEU A 88 -20.05 2.83 14.34
C LEU A 88 -19.12 4.00 14.03
N VAL A 89 -17.96 3.70 13.45
CA VAL A 89 -16.91 4.68 13.22
C VAL A 89 -16.73 4.97 11.73
N SER A 90 -16.78 6.24 11.35
CA SER A 90 -16.74 6.61 9.95
C SER A 90 -15.41 7.24 9.55
N VAL A 91 -14.50 7.38 10.51
CA VAL A 91 -13.17 7.96 10.24
C VAL A 91 -12.12 6.86 10.22
N GLU A 92 -10.89 7.21 9.84
CA GLU A 92 -9.83 6.22 9.66
C GLU A 92 -8.92 6.12 10.90
N ALA A 93 -8.81 7.21 11.65
CA ALA A 93 -7.96 7.23 12.82
C ALA A 93 -8.41 8.34 13.77
N GLY A 94 -8.08 8.21 15.05
CA GLY A 94 -8.34 9.27 16.00
C GLY A 94 -8.00 8.83 17.42
N ASN A 95 -8.51 9.60 18.38
CA ASN A 95 -8.37 9.26 19.80
C ASN A 95 -9.70 9.51 20.50
N ALA A 96 -10.19 8.49 21.21
CA ALA A 96 -11.47 8.59 21.90
C ALA A 96 -11.55 7.56 23.02
N LYS A 97 -12.39 7.83 24.01
CA LYS A 97 -12.62 6.87 25.10
C LYS A 97 -13.78 5.94 24.76
N GLY A 98 -14.43 6.20 23.64
CA GLY A 98 -15.55 5.39 23.24
C GLY A 98 -16.10 5.84 21.91
N PHE A 99 -17.14 5.14 21.47
CA PHE A 99 -17.72 5.41 20.17
C PHE A 99 -19.24 5.40 20.30
N VAL A 100 -19.88 6.47 19.85
CA VAL A 100 -21.33 6.60 19.95
C VAL A 100 -21.96 6.40 18.57
N CYS A 101 -23.00 5.56 18.53
CA CYS A 101 -23.67 5.29 17.27
C CYS A 101 -24.57 6.46 16.86
N SER A 102 -24.48 6.88 15.60
CA SER A 102 -25.25 8.03 15.14
C SER A 102 -26.73 7.72 14.85
N TYR A 103 -27.14 6.47 15.02
CA TYR A 103 -28.53 6.10 14.73
C TYR A 103 -29.38 6.34 15.98
N HIS A 104 -29.20 5.52 17.02
CA HIS A 104 -29.96 5.70 18.26
C HIS A 104 -29.10 6.07 19.47
N GLY A 105 -27.82 6.37 19.25
CA GLY A 105 -26.99 6.97 20.29
C GLY A 105 -26.37 6.04 21.30
N TRP A 106 -26.37 4.74 21.03
CA TRP A 106 -25.73 3.78 21.95
C TRP A 106 -24.23 4.07 22.03
N GLY A 107 -23.69 4.01 23.25
CA GLY A 107 -22.30 4.37 23.47
C GLY A 107 -21.48 3.19 23.91
N PHE A 108 -20.43 2.88 23.13
CA PHE A 108 -19.55 1.77 23.42
C PHE A 108 -18.20 2.30 23.88
N GLY A 109 -17.54 1.57 24.77
CA GLY A 109 -16.24 2.00 25.23
C GLY A 109 -15.14 1.62 24.25
N SER A 110 -13.95 2.20 24.43
CA SER A 110 -12.77 1.77 23.72
C SER A 110 -12.47 0.29 23.97
N ASN A 111 -13.03 -0.25 25.06
CA ASN A 111 -12.91 -1.67 25.38
C ASN A 111 -14.07 -2.50 24.81
N GLY A 112 -14.87 -1.90 23.93
CA GLY A 112 -15.95 -2.61 23.28
C GLY A 112 -17.23 -2.77 24.09
N GLU A 113 -17.21 -2.40 25.38
CA GLU A 113 -18.37 -2.64 26.24
C GLU A 113 -19.49 -1.66 25.89
N LEU A 114 -20.74 -2.09 25.99
CA LEU A 114 -21.86 -1.16 25.86
C LEU A 114 -21.98 -0.40 27.17
N GLN A 115 -21.58 0.86 27.14
CA GLN A 115 -21.49 1.65 28.37
C GLN A 115 -22.73 2.48 28.64
N SER A 116 -23.39 2.97 27.58
CA SER A 116 -24.55 3.81 27.78
C SER A 116 -25.58 3.65 26.69
N VAL A 117 -26.84 3.82 27.08
CA VAL A 117 -27.96 3.70 26.19
C VAL A 117 -28.86 4.88 26.50
N PRO A 118 -29.17 5.73 25.50
CA PRO A 118 -29.96 6.92 25.82
C PRO A 118 -31.29 6.58 26.48
N PHE A 119 -31.57 7.27 27.60
CA PHE A 119 -32.79 7.08 28.37
C PHE A 119 -33.03 5.63 28.77
N GLU A 120 -31.95 4.92 29.12
CA GLU A 120 -32.05 3.50 29.43
C GLU A 120 -33.11 3.22 30.50
N LYS A 121 -33.06 4.00 31.58
CA LYS A 121 -33.97 3.80 32.69
C LYS A 121 -35.44 3.95 32.26
N ASP A 122 -35.74 5.01 31.53
CA ASP A 122 -37.12 5.27 31.10
C ASP A 122 -37.62 4.27 30.07
N LEU A 123 -36.71 3.77 29.24
CA LEU A 123 -37.10 2.94 28.09
C LEU A 123 -36.95 1.44 28.36
N TYR A 124 -35.76 1.01 28.74
CA TYR A 124 -35.51 -0.41 28.97
C TYR A 124 -35.70 -0.82 30.42
N GLY A 125 -35.76 0.15 31.32
CA GLY A 125 -35.78 -0.17 32.74
C GLY A 125 -34.50 -0.90 33.11
N GLU A 126 -34.63 -2.05 33.76
CA GLU A 126 -33.47 -2.86 34.12
C GLU A 126 -33.34 -4.07 33.20
N SER A 127 -34.08 -4.07 32.10
CA SER A 127 -34.22 -5.27 31.28
C SER A 127 -33.18 -5.41 30.19
N LEU A 128 -32.43 -4.34 29.93
CA LEU A 128 -31.40 -4.43 28.89
C LEU A 128 -30.10 -4.99 29.46
N ASN A 129 -29.67 -6.14 28.95
CA ASN A 129 -28.47 -6.77 29.47
C ASN A 129 -27.22 -6.32 28.74
N LYS A 130 -26.72 -5.14 29.11
CA LYS A 130 -25.61 -4.50 28.39
C LYS A 130 -24.33 -5.34 28.41
N LYS A 131 -24.13 -6.11 29.48
CA LYS A 131 -23.00 -7.02 29.57
C LYS A 131 -22.92 -8.01 28.42
N CYS A 132 -24.06 -8.29 27.80
CA CYS A 132 -24.09 -9.22 26.67
C CYS A 132 -24.15 -8.49 25.34
N LEU A 133 -23.99 -7.18 25.36
CA LEU A 133 -24.15 -6.39 24.14
C LEU A 133 -22.90 -5.63 23.76
N GLY A 134 -21.74 -6.15 24.15
CA GLY A 134 -20.48 -5.54 23.73
C GLY A 134 -20.22 -5.79 22.26
N LEU A 135 -19.39 -4.94 21.67
CA LEU A 135 -19.06 -5.10 20.26
C LEU A 135 -18.44 -6.48 20.02
N LYS A 136 -18.70 -7.04 18.83
CA LYS A 136 -18.18 -8.37 18.48
C LYS A 136 -16.66 -8.28 18.40
N GLU A 137 -15.96 -9.00 19.28
CA GLU A 137 -14.52 -8.80 19.41
C GLU A 137 -13.71 -9.78 18.55
N VAL A 138 -12.64 -9.26 17.95
CA VAL A 138 -11.68 -10.10 17.23
C VAL A 138 -10.99 -10.95 18.27
N ALA A 139 -11.12 -12.28 18.12
CA ALA A 139 -10.69 -13.22 19.15
C ALA A 139 -9.20 -13.13 19.47
N ARG A 140 -8.38 -12.89 18.46
CA ARG A 140 -6.93 -12.94 18.63
C ARG A 140 -6.25 -11.70 18.09
N VAL A 141 -5.46 -11.03 18.92
CA VAL A 141 -4.69 -9.87 18.48
C VAL A 141 -3.29 -9.99 19.06
N GLU A 142 -2.28 -10.06 18.18
CA GLU A 142 -0.91 -10.26 18.62
C GLU A 142 0.05 -9.35 17.87
N SER A 143 1.24 -9.18 18.40
CA SER A 143 2.21 -8.24 17.86
C SER A 143 3.48 -8.98 17.43
N PHE A 144 4.01 -8.59 16.28
CA PHE A 144 5.34 -9.02 15.87
C PHE A 144 6.19 -7.76 15.77
N HIS A 145 6.93 -7.48 16.85
CA HIS A 145 7.78 -6.30 16.93
C HIS A 145 7.09 -5.01 16.54
N GLY A 146 5.88 -4.83 17.06
CA GLY A 146 5.13 -3.60 16.87
C GLY A 146 4.09 -3.72 15.78
N PHE A 147 4.24 -4.71 14.92
CA PHE A 147 3.28 -4.93 13.84
C PHE A 147 2.14 -5.79 14.35
N ILE A 148 0.93 -5.23 14.30
CA ILE A 148 -0.22 -5.80 14.98
C ILE A 148 -1.11 -6.56 14.00
N TYR A 149 -1.35 -7.83 14.28
CA TYR A 149 -2.18 -8.67 13.42
C TYR A 149 -3.37 -9.16 14.21
N GLY A 150 -4.45 -9.47 13.50
CA GLY A 150 -5.64 -9.99 14.12
C GLY A 150 -6.09 -11.29 13.47
N CYS A 151 -6.84 -12.08 14.22
CA CYS A 151 -7.41 -13.31 13.67
C CYS A 151 -8.76 -13.58 14.32
N PHE A 152 -9.78 -13.81 13.50
CA PHE A 152 -11.12 -14.14 13.99
C PHE A 152 -11.23 -15.54 14.61
N ASP A 153 -10.29 -16.41 14.28
CA ASP A 153 -10.34 -17.82 14.72
C ASP A 153 -9.52 -18.06 15.99
N GLN A 154 -10.20 -18.33 17.10
CA GLN A 154 -9.55 -18.59 18.39
C GLN A 154 -8.56 -19.76 18.31
N GLU A 155 -8.75 -20.64 17.33
CA GLU A 155 -7.95 -21.86 17.23
C GLU A 155 -6.64 -21.70 16.47
N ALA A 156 -6.40 -20.52 15.90
CA ALA A 156 -5.18 -20.27 15.13
C ALA A 156 -3.91 -20.47 15.96
N PRO A 157 -2.81 -20.81 15.29
CA PRO A 157 -1.52 -20.84 16.01
C PRO A 157 -1.15 -19.43 16.45
N PRO A 158 -0.30 -19.31 17.50
CA PRO A 158 0.20 -17.97 17.82
C PRO A 158 0.86 -17.36 16.59
N LEU A 159 0.83 -16.03 16.49
CA LEU A 159 1.36 -15.34 15.32
C LEU A 159 2.79 -15.75 15.02
N MET A 160 3.61 -15.86 16.06
CA MET A 160 5.01 -16.24 15.88
C MET A 160 5.16 -17.63 15.23
N ASP A 161 4.39 -18.62 15.70
CA ASP A 161 4.44 -19.95 15.08
C ASP A 161 3.90 -19.92 13.65
N TYR A 162 2.88 -19.10 13.44
CA TYR A 162 2.26 -18.93 12.12
C TYR A 162 3.24 -18.39 11.09
N LEU A 163 4.11 -17.49 11.53
CA LEU A 163 5.16 -16.98 10.64
C LEU A 163 6.17 -18.07 10.28
N GLY A 164 6.25 -19.11 11.11
CA GLY A 164 7.10 -20.25 10.84
C GLY A 164 8.53 -19.87 10.48
N ASP A 165 9.06 -20.49 9.43
CA ASP A 165 10.44 -20.26 9.03
C ASP A 165 10.68 -18.85 8.48
N ALA A 166 9.62 -18.13 8.13
CA ALA A 166 9.80 -16.77 7.63
C ALA A 166 10.27 -15.82 8.73
N ALA A 167 9.93 -16.12 10.00
CA ALA A 167 10.30 -15.22 11.09
C ALA A 167 11.80 -14.99 11.18
N TRP A 168 12.58 -16.04 10.96
CA TRP A 168 14.03 -15.97 11.04
C TRP A 168 14.61 -14.92 10.08
N TYR A 169 14.01 -14.82 8.90
CA TYR A 169 14.46 -13.87 7.88
C TYR A 169 14.04 -12.45 8.21
N LEU A 170 12.89 -12.30 8.85
CA LEU A 170 12.36 -10.95 9.12
C LEU A 170 13.00 -10.32 10.36
N GLU A 171 13.42 -11.17 11.29
CA GLU A 171 13.93 -10.69 12.58
C GLU A 171 15.08 -9.67 12.53
N PRO A 172 16.09 -9.89 11.65
CA PRO A 172 17.18 -8.88 11.64
C PRO A 172 16.69 -7.45 11.40
N MET A 173 15.79 -7.25 10.45
CA MET A 173 15.21 -5.93 10.19
C MET A 173 14.11 -5.56 11.20
N PHE A 174 13.28 -6.52 11.59
CA PHE A 174 12.14 -6.19 12.46
C PHE A 174 12.49 -6.07 13.93
N LYS A 175 13.53 -6.79 14.33
CA LYS A 175 13.91 -6.85 15.74
C LYS A 175 15.29 -6.28 15.98
N HIS A 176 16.29 -6.84 15.32
CA HIS A 176 17.66 -6.52 15.66
C HIS A 176 18.13 -5.15 15.18
N SER A 177 17.37 -4.53 14.29
CA SER A 177 17.68 -3.17 13.81
C SER A 177 17.38 -2.11 14.87
N GLY A 178 16.76 -2.52 15.98
CA GLY A 178 16.30 -1.58 16.99
C GLY A 178 14.81 -1.32 16.87
N GLY A 179 14.20 -1.80 15.79
CA GLY A 179 12.76 -1.66 15.59
C GLY A 179 12.36 -0.78 14.43
N LEU A 180 11.19 -1.07 13.86
CA LEU A 180 10.65 -0.30 12.74
C LEU A 180 9.44 0.49 13.19
N GLU A 181 9.14 1.53 12.42
CA GLU A 181 7.93 2.31 12.58
C GLU A 181 7.17 2.26 11.27
N LEU A 182 5.85 2.28 11.34
CA LEU A 182 5.03 2.37 10.15
C LEU A 182 4.67 3.83 10.00
N VAL A 183 4.94 4.40 8.83
CA VAL A 183 4.62 5.78 8.55
C VAL A 183 3.29 5.80 7.80
N GLY A 184 2.28 6.40 8.44
CA GLY A 184 0.97 6.56 7.83
C GLY A 184 0.76 8.01 7.42
N PRO A 185 -0.44 8.34 6.90
CA PRO A 185 -1.51 7.39 6.60
C PRO A 185 -1.15 6.63 5.34
N PRO A 186 -1.81 5.49 5.08
CA PRO A 186 -1.45 4.74 3.88
C PRO A 186 -2.07 5.38 2.64
N GLY A 187 -1.48 5.17 1.46
CA GLY A 187 -2.21 5.41 0.23
C GLY A 187 -3.27 4.33 0.11
N LYS A 188 -4.40 4.64 -0.54
CA LYS A 188 -5.45 3.66 -0.78
C LYS A 188 -5.99 3.75 -2.20
N VAL A 189 -5.87 2.66 -2.96
CA VAL A 189 -6.31 2.61 -4.35
C VAL A 189 -7.00 1.29 -4.64
N VAL A 190 -8.10 1.32 -5.39
CA VAL A 190 -8.73 0.09 -5.85
C VAL A 190 -8.16 -0.35 -7.20
N ILE A 191 -7.76 -1.61 -7.27
CA ILE A 191 -7.38 -2.20 -8.55
C ILE A 191 -8.33 -3.33 -8.95
N LYS A 192 -8.42 -3.61 -10.25
CA LYS A 192 -9.34 -4.63 -10.71
C LYS A 192 -8.61 -5.98 -10.85
N ALA A 193 -8.04 -6.42 -9.73
CA ALA A 193 -7.30 -7.67 -9.67
C ALA A 193 -7.76 -8.44 -8.46
N ASN A 194 -7.61 -9.76 -8.51
CA ASN A 194 -7.81 -10.62 -7.36
C ASN A 194 -6.67 -10.37 -6.39
N TRP A 195 -6.96 -10.44 -5.08
CA TRP A 195 -5.94 -10.20 -4.06
C TRP A 195 -4.74 -11.13 -4.17
N LYS A 196 -4.95 -12.31 -4.74
CA LYS A 196 -3.86 -13.29 -4.88
C LYS A 196 -2.84 -12.88 -5.94
N ALA A 197 -3.26 -12.07 -6.91
CA ALA A 197 -2.32 -11.64 -7.94
C ALA A 197 -1.15 -10.80 -7.39
N PRO A 198 -1.44 -9.74 -6.59
CA PRO A 198 -0.27 -9.07 -6.02
C PRO A 198 0.37 -9.86 -4.87
N ALA A 199 -0.42 -10.62 -4.12
CA ALA A 199 0.14 -11.43 -3.04
C ALA A 199 1.18 -12.44 -3.57
N GLU A 200 0.88 -13.11 -4.68
CA GLU A 200 1.82 -14.10 -5.23
C GLU A 200 3.04 -13.39 -5.81
N ASN A 201 2.83 -12.17 -6.32
CA ASN A 201 3.91 -11.44 -6.97
C ASN A 201 4.94 -11.01 -5.94
N PHE A 202 4.47 -10.47 -4.82
CA PHE A 202 5.38 -10.08 -3.75
C PHE A 202 6.02 -11.25 -3.02
N VAL A 203 5.33 -12.40 -2.97
CA VAL A 203 5.86 -13.53 -2.19
C VAL A 203 7.06 -14.17 -2.86
N GLY A 204 7.10 -14.16 -4.20
CA GLY A 204 8.12 -14.95 -4.86
C GLY A 204 8.46 -14.66 -6.29
N ASP A 205 8.11 -13.47 -6.78
CA ASP A 205 8.30 -13.16 -8.19
C ASP A 205 9.45 -12.19 -8.44
N ALA A 206 10.66 -12.72 -8.50
CA ALA A 206 11.80 -11.92 -8.94
C ALA A 206 11.93 -11.95 -10.45
N TYR A 207 11.37 -12.98 -11.08
CA TYR A 207 11.47 -13.19 -12.53
C TYR A 207 10.90 -12.00 -13.29
N HIS A 208 9.82 -11.42 -12.78
CA HIS A 208 9.13 -10.35 -13.50
C HIS A 208 9.88 -9.02 -13.50
N VAL A 209 10.81 -8.82 -12.55
CA VAL A 209 11.35 -7.49 -12.29
C VAL A 209 12.02 -6.84 -13.50
N GLY A 210 12.98 -7.53 -14.12
CA GLY A 210 13.68 -6.97 -15.25
C GLY A 210 12.80 -6.59 -16.43
N TRP A 211 11.72 -7.36 -16.65
CA TRP A 211 10.87 -7.13 -17.82
C TRP A 211 9.69 -6.21 -17.51
N THR A 212 8.90 -6.56 -16.50
CA THR A 212 7.77 -5.72 -16.07
C THR A 212 8.22 -4.31 -15.74
N HIS A 213 9.31 -4.21 -15.00
CA HIS A 213 9.76 -2.93 -14.47
C HIS A 213 10.92 -2.33 -15.27
N ALA A 214 11.09 -2.78 -16.51
CA ALA A 214 12.15 -2.27 -17.38
C ALA A 214 12.21 -0.75 -17.40
N SER A 215 11.07 -0.10 -17.59
CA SER A 215 11.05 1.36 -17.68
C SER A 215 11.38 2.04 -16.36
N SER A 216 10.90 1.47 -15.25
CA SER A 216 11.18 2.04 -13.94
C SER A 216 12.62 1.84 -13.52
N LEU A 217 13.16 0.66 -13.84
CA LEU A 217 14.57 0.38 -13.61
C LEU A 217 15.47 1.34 -14.40
N ARG A 218 15.15 1.56 -15.67
CA ARG A 218 15.96 2.40 -16.52
C ARG A 218 15.85 3.88 -16.14
N SER A 219 14.65 4.30 -15.73
CA SER A 219 14.37 5.71 -15.46
C SER A 219 14.75 6.16 -14.06
N GLY A 220 14.61 5.25 -13.10
CA GLY A 220 14.80 5.60 -11.70
C GLY A 220 16.23 5.52 -11.20
N GLU A 221 17.10 4.82 -11.94
CA GLU A 221 18.53 4.73 -11.59
C GLU A 221 18.77 4.06 -10.22
N SER A 222 17.90 3.14 -9.84
CA SER A 222 18.03 2.45 -8.56
C SER A 222 19.18 1.42 -8.55
N ILE A 223 19.32 0.68 -7.45
CA ILE A 223 20.43 -0.27 -7.31
C ILE A 223 20.23 -1.59 -8.07
N PHE A 224 18.98 -1.99 -8.31
CA PHE A 224 18.71 -3.21 -9.07
C PHE A 224 18.57 -2.93 -10.57
N SER A 225 19.09 -1.79 -11.00
CA SER A 225 18.82 -1.24 -12.33
C SER A 225 19.49 -1.95 -13.52
N SER A 226 20.52 -2.74 -13.23
CA SER A 226 21.21 -3.50 -14.29
C SER A 226 20.28 -4.49 -14.96
N LEU A 227 19.07 -4.65 -14.43
CA LEU A 227 18.19 -5.70 -14.89
C LEU A 227 17.22 -5.22 -15.96
N ALA A 228 17.17 -3.90 -16.19
CA ALA A 228 16.17 -3.31 -17.09
C ALA A 228 16.12 -4.03 -18.43
N GLY A 229 14.92 -4.46 -18.82
CA GLY A 229 14.74 -5.13 -20.10
C GLY A 229 15.47 -6.47 -20.18
N ASN A 230 15.68 -7.12 -19.04
CA ASN A 230 16.41 -8.39 -19.00
C ASN A 230 17.77 -8.27 -19.64
N ALA A 231 18.39 -7.11 -19.46
CA ALA A 231 19.70 -6.84 -20.04
C ALA A 231 20.76 -7.70 -19.35
N ALA A 232 20.50 -8.03 -18.08
CA ALA A 232 21.45 -8.81 -17.30
C ALA A 232 20.74 -9.68 -16.26
N LEU A 233 21.25 -10.89 -16.09
CA LEU A 233 20.76 -11.78 -15.05
C LEU A 233 21.58 -11.54 -13.79
N PRO A 234 20.89 -11.48 -12.63
CA PRO A 234 21.60 -11.51 -11.35
C PRO A 234 22.57 -12.68 -11.33
N PRO A 235 23.81 -12.45 -10.87
CA PRO A 235 24.83 -13.50 -10.81
C PRO A 235 24.43 -14.65 -9.90
N GLU A 236 25.16 -15.77 -9.97
CA GLU A 236 24.89 -16.86 -9.04
C GLU A 236 25.16 -16.34 -7.64
N GLY A 237 24.38 -16.82 -6.67
CA GLY A 237 24.57 -16.43 -5.30
C GLY A 237 24.01 -15.04 -5.00
N ALA A 238 23.27 -14.47 -5.95
CA ALA A 238 22.73 -13.12 -5.77
C ALA A 238 21.61 -13.12 -4.76
N GLY A 239 21.05 -14.29 -4.48
CA GLY A 239 20.01 -14.38 -3.47
C GLY A 239 19.37 -15.74 -3.38
N LEU A 240 18.24 -15.80 -2.67
CA LEU A 240 17.54 -17.06 -2.47
C LEU A 240 16.06 -16.83 -2.32
N GLN A 241 15.32 -17.93 -2.25
CA GLN A 241 13.88 -17.89 -2.06
C GLN A 241 13.54 -18.80 -0.90
N MET A 242 12.51 -18.44 -0.14
CA MET A 242 12.05 -19.35 0.92
C MET A 242 10.53 -19.41 1.06
N THR A 243 10.06 -20.47 1.68
CA THR A 243 8.66 -20.56 2.00
C THR A 243 8.50 -21.42 3.26
N SER A 244 7.28 -21.45 3.78
CA SER A 244 7.04 -21.94 5.13
C SER A 244 5.72 -22.68 5.20
N LYS A 245 5.49 -23.32 6.35
CA LYS A 245 4.36 -24.21 6.53
C LYS A 245 3.00 -23.52 6.35
N TYR A 246 2.87 -22.33 6.91
CA TYR A 246 1.59 -21.63 6.92
C TYR A 246 1.46 -20.65 5.77
N GLY A 247 2.33 -20.76 4.78
CA GLY A 247 2.13 -20.06 3.52
C GLY A 247 3.00 -18.84 3.27
N SER A 248 3.54 -18.26 4.33
CA SER A 248 4.38 -17.07 4.19
C SER A 248 5.67 -17.42 3.50
N GLY A 249 6.21 -16.48 2.74
CA GLY A 249 7.44 -16.72 2.02
C GLY A 249 8.07 -15.42 1.58
N MET A 250 9.28 -15.52 1.05
CA MET A 250 9.96 -14.33 0.54
C MET A 250 11.15 -14.65 -0.34
N GLY A 251 11.52 -13.66 -1.14
CA GLY A 251 12.78 -13.66 -1.87
C GLY A 251 13.77 -12.84 -1.09
N VAL A 252 15.03 -13.19 -1.20
CA VAL A 252 16.13 -12.47 -0.58
C VAL A 252 17.10 -12.06 -1.67
N LEU A 253 17.32 -10.77 -1.81
CA LEU A 253 18.34 -10.27 -2.73
CA LEU A 253 18.32 -10.26 -2.74
C LEU A 253 19.48 -9.68 -1.93
N TRP A 254 20.59 -10.40 -1.89
CA TRP A 254 21.71 -10.02 -1.03
C TRP A 254 22.15 -8.55 -1.20
N ASP A 255 22.29 -7.86 -0.07
CA ASP A 255 22.90 -6.54 0.01
C ASP A 255 22.10 -5.38 -0.57
N GLY A 256 20.92 -5.64 -1.14
CA GLY A 256 20.19 -4.59 -1.83
C GLY A 256 19.48 -3.59 -0.92
N TYR A 257 20.22 -2.99 -0.01
CA TYR A 257 19.64 -2.15 1.05
C TYR A 257 18.95 -0.88 0.55
N SER A 258 19.38 -0.34 -0.59
CA SER A 258 18.73 0.86 -1.12
C SER A 258 17.51 0.50 -1.97
N GLY A 259 17.32 -0.79 -2.26
CA GLY A 259 16.11 -1.28 -2.92
C GLY A 259 15.74 -0.52 -4.18
N VAL A 260 14.48 -0.12 -4.26
CA VAL A 260 13.95 0.52 -5.46
C VAL A 260 14.20 2.01 -5.45
N HIS A 261 14.76 2.52 -4.36
CA HIS A 261 14.93 3.97 -4.22
C HIS A 261 15.85 4.55 -5.29
N SER A 262 15.44 5.70 -5.82
CA SER A 262 16.16 6.33 -6.90
C SER A 262 17.53 6.74 -6.40
N ALA A 263 18.44 6.99 -7.33
CA ALA A 263 19.83 7.29 -7.01
C ALA A 263 19.99 8.39 -5.96
N ASP A 264 19.00 9.27 -5.84
CA ASP A 264 19.05 10.35 -4.85
C ASP A 264 19.11 9.90 -3.37
N LEU A 265 18.83 8.62 -3.11
CA LEU A 265 18.87 8.08 -1.74
C LEU A 265 19.89 6.95 -1.58
N VAL A 266 20.42 6.48 -2.69
CA VAL A 266 21.32 5.32 -2.68
C VAL A 266 22.56 5.45 -1.79
N PRO A 267 23.35 6.53 -1.95
CA PRO A 267 24.55 6.64 -1.12
C PRO A 267 24.26 6.70 0.38
N GLU A 268 23.26 7.49 0.76
CA GLU A 268 22.87 7.63 2.16
C GLU A 268 22.41 6.32 2.76
N LEU A 269 21.55 5.61 2.04
CA LEU A 269 21.03 4.34 2.51
C LEU A 269 22.12 3.29 2.62
N MET A 270 22.94 3.15 1.58
CA MET A 270 23.99 2.13 1.58
C MET A 270 25.00 2.38 2.69
N ALA A 271 25.20 3.65 3.04
CA ALA A 271 26.06 3.97 4.17
C ALA A 271 25.41 3.57 5.49
N PHE A 272 24.12 3.90 5.64
CA PHE A 272 23.40 3.66 6.89
C PHE A 272 23.26 2.16 7.17
N GLY A 273 22.82 1.40 6.17
CA GLY A 273 22.65 -0.03 6.33
C GLY A 273 23.96 -0.75 6.59
N GLY A 274 25.01 -0.31 5.91
CA GLY A 274 26.33 -0.90 6.10
C GLY A 274 26.86 -0.65 7.49
N ALA A 275 26.65 0.56 8.00
CA ALA A 275 27.11 0.89 9.35
C ALA A 275 26.41 0.03 10.41
N LYS A 276 25.08 -0.14 10.27
CA LYS A 276 24.35 -0.94 11.26
C LYS A 276 24.72 -2.41 11.13
N GLN A 277 24.90 -2.88 9.90
CA GLN A 277 25.35 -4.25 9.65
C GLN A 277 26.67 -4.57 10.37
N GLU A 278 27.61 -3.64 10.34
CA GLU A 278 28.89 -3.85 11.00
C GLU A 278 28.71 -4.01 12.52
N ARG A 279 27.76 -3.28 13.09
CA ARG A 279 27.43 -3.46 14.50
C ARG A 279 26.74 -4.80 14.77
N LEU A 280 25.85 -5.18 13.87
CA LEU A 280 25.06 -6.41 14.05
C LEU A 280 25.88 -7.69 13.87
N ASN A 281 26.99 -7.62 13.15
CA ASN A 281 27.85 -8.79 12.97
C ASN A 281 28.18 -9.44 14.32
N LYS A 282 28.50 -8.59 15.29
CA LYS A 282 28.92 -9.03 16.62
C LYS A 282 27.77 -9.58 17.45
N GLU A 283 26.54 -9.20 17.10
CA GLU A 283 25.38 -9.54 17.91
C GLU A 283 24.62 -10.76 17.39
N ILE A 284 24.44 -10.83 16.08
CA ILE A 284 23.61 -11.90 15.49
C ILE A 284 24.37 -12.74 14.46
N GLY A 285 25.64 -12.41 14.24
CA GLY A 285 26.45 -13.16 13.30
C GLY A 285 26.45 -12.52 11.92
N ASP A 286 27.44 -12.88 11.10
CA ASP A 286 27.60 -12.25 9.80
C ASP A 286 26.43 -12.49 8.86
N VAL A 287 25.95 -13.73 8.79
CA VAL A 287 24.88 -14.07 7.86
C VAL A 287 23.62 -13.28 8.19
N ARG A 288 23.22 -13.28 9.45
CA ARG A 288 21.98 -12.62 9.81
C ARG A 288 22.10 -11.10 9.72
N ALA A 289 23.28 -10.57 10.00
CA ALA A 289 23.49 -9.14 9.85
C ALA A 289 23.44 -8.75 8.37
N ARG A 290 23.80 -9.68 7.50
CA ARG A 290 23.75 -9.43 6.07
C ARG A 290 22.30 -9.45 5.61
N ILE A 291 21.52 -10.40 6.14
CA ILE A 291 20.09 -10.46 5.85
C ILE A 291 19.39 -9.16 6.23
N TYR A 292 19.77 -8.58 7.36
CA TYR A 292 19.22 -7.27 7.78
C TYR A 292 19.29 -6.26 6.63
N ARG A 293 20.45 -6.16 5.97
CA ARG A 293 20.60 -5.16 4.90
C ARG A 293 20.41 -5.76 3.50
N SER A 294 19.65 -6.84 3.44
CA SER A 294 19.29 -7.47 2.18
C SER A 294 17.81 -7.24 1.89
N HIS A 295 17.49 -7.09 0.60
CA HIS A 295 16.15 -6.74 0.16
C HIS A 295 15.25 -7.98 0.24
N LEU A 296 14.21 -7.93 1.06
CA LEU A 296 13.29 -9.06 1.18
C LEU A 296 11.97 -8.70 0.54
N ASN A 297 11.54 -9.48 -0.45
CA ASN A 297 10.16 -9.33 -0.96
C ASN A 297 9.33 -10.44 -0.35
N CYS A 298 8.40 -10.09 0.53
CA CYS A 298 7.75 -11.06 1.39
C CYS A 298 6.24 -10.91 1.37
N THR A 299 5.53 -12.03 1.39
CA THR A 299 4.12 -12.01 1.74
C THR A 299 3.91 -12.77 3.04
N VAL A 300 3.30 -12.10 4.01
CA VAL A 300 2.81 -12.77 5.21
C VAL A 300 1.38 -13.23 4.85
N PHE A 301 1.22 -14.54 4.71
CA PHE A 301 -0.03 -15.14 4.29
C PHE A 301 -1.17 -14.60 5.15
N PRO A 302 -2.32 -14.27 4.53
CA PRO A 302 -2.58 -14.39 3.08
C PRO A 302 -2.29 -13.13 2.27
N ASN A 303 -2.52 -11.94 2.82
CA ASN A 303 -2.63 -10.75 1.99
C ASN A 303 -1.90 -9.51 2.50
N ASN A 304 -0.80 -9.73 3.22
CA ASN A 304 0.05 -8.65 3.69
C ASN A 304 1.42 -8.85 3.04
N SER A 305 1.92 -7.85 2.33
CA SER A 305 3.20 -7.98 1.66
C SER A 305 4.12 -6.82 2.01
N MET A 306 5.40 -6.97 1.73
CA MET A 306 6.36 -5.93 2.04
C MET A 306 7.62 -6.09 1.22
N LEU A 307 8.34 -4.98 1.05
CA LEU A 307 9.69 -5.01 0.53
C LEU A 307 10.51 -4.38 1.61
N THR A 308 11.31 -5.16 2.33
CA THR A 308 12.17 -4.52 3.33
C THR A 308 13.26 -3.74 2.60
N CYS A 309 13.85 -2.77 3.29
CA CYS A 309 14.89 -1.87 2.77
C CYS A 309 14.29 -0.84 1.80
N SER A 310 13.54 -1.29 0.81
CA SER A 310 12.71 -0.38 0.02
C SER A 310 11.70 0.29 0.95
N GLY A 311 11.24 -0.45 1.95
CA GLY A 311 10.36 0.11 2.94
C GLY A 311 8.89 0.11 2.56
N VAL A 312 8.52 -0.70 1.56
CA VAL A 312 7.15 -0.77 1.07
C VAL A 312 6.34 -1.74 1.91
N PHE A 313 5.16 -1.32 2.36
CA PHE A 313 4.31 -2.18 3.18
C PHE A 313 2.89 -2.16 2.62
N LYS A 314 2.36 -3.34 2.30
CA LYS A 314 1.12 -3.48 1.53
C LYS A 314 0.06 -4.33 2.22
N VAL A 315 -1.19 -3.91 2.13
CA VAL A 315 -2.30 -4.80 2.43
C VAL A 315 -3.15 -4.92 1.17
N TRP A 316 -3.39 -6.15 0.71
CA TRP A 316 -4.26 -6.38 -0.43
C TRP A 316 -5.65 -6.76 0.07
N ASN A 317 -6.47 -5.74 0.31
CA ASN A 317 -7.79 -5.95 0.89
C ASN A 317 -8.81 -6.44 -0.13
N PRO A 318 -9.39 -7.62 0.13
CA PRO A 318 -10.29 -8.25 -0.85
C PRO A 318 -11.64 -7.56 -0.91
N ILE A 319 -12.14 -7.31 -2.11
CA ILE A 319 -13.49 -6.76 -2.30
C ILE A 319 -14.38 -7.79 -3.00
N ASP A 320 -13.92 -8.27 -4.15
CA ASP A 320 -14.52 -9.43 -4.82
C ASP A 320 -13.43 -10.11 -5.66
N ALA A 321 -13.78 -11.13 -6.45
CA ALA A 321 -12.73 -11.88 -7.15
C ALA A 321 -11.89 -11.04 -8.08
N ASN A 322 -12.42 -9.94 -8.60
CA ASN A 322 -11.63 -9.07 -9.47
C ASN A 322 -11.53 -7.65 -8.94
N THR A 323 -11.60 -7.47 -7.62
CA THR A 323 -11.47 -6.15 -7.03
C THR A 323 -10.70 -6.22 -5.73
N THR A 324 -9.68 -5.37 -5.60
CA THR A 324 -8.82 -5.36 -4.42
C THR A 324 -8.51 -3.92 -4.04
N GLU A 325 -8.62 -3.60 -2.75
CA GLU A 325 -8.28 -2.26 -2.29
C GLU A 325 -6.87 -2.29 -1.68
N VAL A 326 -5.95 -1.59 -2.32
CA VAL A 326 -4.53 -1.64 -1.99
C VAL A 326 -4.18 -0.53 -1.01
N TRP A 327 -3.72 -0.93 0.17
CA TRP A 327 -3.22 0.01 1.18
C TRP A 327 -1.70 0.01 1.17
N THR A 328 -1.08 1.19 1.09
CA THR A 328 0.38 1.27 1.01
C THR A 328 0.97 2.16 2.09
N TYR A 329 1.73 1.56 3.00
CA TYR A 329 2.43 2.32 4.03
C TYR A 329 3.94 2.29 3.74
N ALA A 330 4.68 3.13 4.46
CA ALA A 330 6.14 3.06 4.46
C ALA A 330 6.67 2.53 5.80
N ILE A 331 7.69 1.68 5.73
CA ILE A 331 8.35 1.27 6.96
CA ILE A 331 8.41 1.18 6.91
C ILE A 331 9.70 1.96 7.02
N VAL A 332 10.06 2.43 8.22
CA VAL A 332 11.36 3.04 8.45
C VAL A 332 11.96 2.48 9.73
N GLU A 333 13.28 2.51 9.81
CA GLU A 333 13.97 2.07 11.02
C GLU A 333 13.93 3.23 12.01
N LYS A 334 13.54 2.93 13.26
CA LYS A 334 13.33 3.96 14.28
C LYS A 334 14.53 4.87 14.48
N ASP A 335 15.73 4.32 14.36
CA ASP A 335 16.91 5.10 14.68
C ASP A 335 17.51 5.84 13.48
N MET A 336 16.81 5.82 12.35
CA MET A 336 17.17 6.68 11.23
C MET A 336 16.94 8.13 11.60
N PRO A 337 17.77 9.05 11.05
CA PRO A 337 17.49 10.46 11.28
C PRO A 337 16.11 10.80 10.73
N GLU A 338 15.42 11.72 11.40
CA GLU A 338 14.06 12.07 10.99
C GLU A 338 13.95 12.54 9.55
N ASP A 339 14.94 13.29 9.07
CA ASP A 339 14.89 13.77 7.69
C ASP A 339 15.00 12.64 6.68
N LEU A 340 15.80 11.63 7.00
CA LEU A 340 15.91 10.45 6.16
C LEU A 340 14.59 9.67 6.14
N LYS A 341 13.97 9.54 7.32
CA LYS A 341 12.68 8.85 7.42
C LYS A 341 11.66 9.53 6.53
N ARG A 342 11.61 10.85 6.57
CA ARG A 342 10.66 11.59 5.77
C ARG A 342 10.88 11.35 4.27
N ARG A 343 12.14 11.43 3.84
CA ARG A 343 12.43 11.21 2.42
C ARG A 343 12.20 9.76 1.99
N LEU A 344 12.52 8.81 2.88
CA LEU A 344 12.26 7.41 2.60
C LEU A 344 10.75 7.17 2.44
N ALA A 345 9.95 7.75 3.31
CA ALA A 345 8.49 7.60 3.20
C ALA A 345 7.97 8.15 1.88
N ASP A 346 8.44 9.34 1.50
CA ASP A 346 8.00 9.92 0.23
C ASP A 346 8.43 9.05 -0.94
N SER A 347 9.60 8.44 -0.82
CA SER A 347 10.14 7.61 -1.90
C SER A 347 9.38 6.28 -2.05
N VAL A 348 8.99 5.70 -0.93
CA VAL A 348 8.07 4.56 -0.94
C VAL A 348 6.79 4.90 -1.73
N GLN A 349 6.21 6.07 -1.47
CA GLN A 349 4.97 6.42 -2.18
C GLN A 349 5.24 6.80 -3.64
N ARG A 350 6.38 7.42 -3.89
CA ARG A 350 6.81 7.79 -5.24
C ARG A 350 6.94 6.56 -6.15
N THR A 351 7.43 5.47 -5.58
CA THR A 351 7.69 4.25 -6.36
C THR A 351 6.53 3.27 -6.33
N PHE A 352 5.93 3.09 -5.16
CA PHE A 352 4.91 2.04 -4.99
C PHE A 352 3.56 2.51 -4.45
N GLY A 353 3.38 3.81 -4.31
CA GLY A 353 2.14 4.37 -3.81
C GLY A 353 1.07 4.53 -4.88
N PRO A 354 0.02 5.32 -4.58
CA PRO A 354 -1.09 5.53 -5.53
C PRO A 354 -0.60 6.01 -6.90
N ALA A 355 0.44 6.83 -6.93
CA ALA A 355 1.07 7.24 -8.17
C ALA A 355 2.48 6.68 -8.22
N GLY A 356 2.66 5.49 -7.65
CA GLY A 356 3.93 4.80 -7.70
C GLY A 356 4.25 4.35 -9.12
N PHE A 357 5.32 4.86 -9.70
CA PHE A 357 5.60 4.51 -11.08
C PHE A 357 6.02 3.05 -11.26
N TRP A 358 6.68 2.46 -10.26
CA TRP A 358 6.96 1.02 -10.30
C TRP A 358 5.65 0.23 -10.19
N GLU A 359 4.85 0.55 -9.20
CA GLU A 359 3.58 -0.16 -9.01
C GLU A 359 2.69 -0.12 -10.27
N SER A 360 2.75 0.99 -10.99
CA SER A 360 1.93 1.12 -12.20
C SER A 360 2.34 0.10 -13.26
N ASP A 361 3.62 -0.27 -13.27
CA ASP A 361 4.09 -1.28 -14.22
C ASP A 361 3.38 -2.61 -14.03
N ASP A 362 2.94 -2.88 -12.81
CA ASP A 362 2.32 -4.16 -12.48
C ASP A 362 0.82 -4.20 -12.77
N ASN A 363 0.20 -3.04 -12.98
CA ASN A 363 -1.27 -2.95 -13.11
C ASN A 363 -1.90 -3.90 -14.10
N ASP A 364 -1.51 -3.78 -15.37
CA ASP A 364 -2.11 -4.60 -16.42
C ASP A 364 -1.84 -6.07 -16.19
N ASN A 365 -0.61 -6.39 -15.77
CA ASN A 365 -0.26 -7.78 -15.47
C ASN A 365 -1.22 -8.41 -14.47
N MET A 366 -1.45 -7.73 -13.34
CA MET A 366 -2.30 -8.33 -12.31
C MET A 366 -3.78 -8.25 -12.62
N GLU A 367 -4.21 -7.17 -13.26
CA GLU A 367 -5.61 -7.04 -13.61
C GLU A 367 -6.06 -8.02 -14.69
N THR A 368 -5.28 -8.13 -15.77
CA THR A 368 -5.69 -9.04 -16.84
C THR A 368 -5.52 -10.50 -16.43
N ALA A 369 -4.47 -10.81 -15.68
CA ALA A 369 -4.31 -12.18 -15.21
C ALA A 369 -5.49 -12.60 -14.33
N SER A 370 -6.00 -11.67 -13.53
CA SER A 370 -7.15 -11.96 -12.69
C SER A 370 -8.42 -12.07 -13.50
N GLN A 371 -8.63 -11.12 -14.41
CA GLN A 371 -9.87 -11.07 -15.18
C GLN A 371 -9.98 -12.25 -16.16
N ASN A 372 -8.84 -12.70 -16.65
CA ASN A 372 -8.85 -13.86 -17.53
C ASN A 372 -9.34 -15.12 -16.82
N GLY A 373 -9.23 -15.13 -15.50
CA GLY A 373 -9.71 -16.25 -14.71
C GLY A 373 -11.23 -16.44 -14.75
N LYS A 374 -11.94 -15.41 -15.23
CA LYS A 374 -13.38 -15.50 -15.44
C LYS A 374 -13.75 -15.99 -16.82
N LYS A 375 -12.83 -15.91 -17.77
CA LYS A 375 -13.13 -16.22 -19.17
C LYS A 375 -13.31 -17.72 -19.38
N TYR A 376 -14.33 -18.10 -20.15
CA TYR A 376 -14.75 -19.49 -20.25
C TYR A 376 -13.64 -20.48 -20.58
N GLN A 377 -12.82 -20.16 -21.58
CA GLN A 377 -11.82 -21.11 -22.04
C GLN A 377 -10.60 -21.14 -21.14
N SER A 378 -10.53 -20.24 -20.16
CA SER A 378 -9.37 -20.17 -19.27
C SER A 378 -9.61 -20.68 -17.87
N ARG A 379 -10.88 -20.83 -17.48
CA ARG A 379 -11.22 -21.21 -16.11
C ARG A 379 -10.50 -22.47 -15.65
N ASP A 380 -10.48 -23.47 -16.52
CA ASP A 380 -9.91 -24.79 -16.21
C ASP A 380 -8.46 -24.91 -16.70
N SER A 381 -7.86 -23.79 -17.09
CA SER A 381 -6.47 -23.81 -17.54
C SER A 381 -5.54 -23.75 -16.33
N ASP A 382 -4.27 -24.11 -16.54
CA ASP A 382 -3.30 -24.20 -15.45
C ASP A 382 -2.27 -23.08 -15.45
N LEU A 383 -2.26 -22.31 -14.37
CA LEU A 383 -1.23 -21.30 -14.14
C LEU A 383 0.00 -22.06 -13.64
N LEU A 384 1.16 -21.79 -14.22
CA LEU A 384 2.36 -22.56 -13.91
C LEU A 384 3.24 -21.90 -12.86
N SER A 385 3.69 -22.69 -11.89
CA SER A 385 4.69 -22.23 -10.91
C SER A 385 5.71 -23.33 -10.62
N ASN A 386 6.35 -23.81 -11.69
CA ASN A 386 7.25 -24.95 -11.62
C ASN A 386 8.74 -24.58 -11.69
N LEU A 387 9.05 -23.29 -11.86
CA LEU A 387 10.43 -22.86 -11.96
C LEU A 387 11.21 -23.18 -10.70
N GLY A 388 12.27 -23.97 -10.84
CA GLY A 388 13.13 -24.33 -9.72
C GLY A 388 12.68 -25.59 -8.99
N PHE A 389 11.56 -26.16 -9.41
CA PHE A 389 11.08 -27.37 -8.76
C PHE A 389 12.08 -28.53 -8.89
N GLY A 390 12.30 -29.23 -7.79
CA GLY A 390 13.26 -30.31 -7.78
C GLY A 390 14.63 -29.87 -7.32
N GLU A 391 14.78 -28.58 -7.00
CA GLU A 391 16.04 -28.05 -6.51
C GLU A 391 15.91 -27.37 -5.15
N ASP A 392 14.71 -27.35 -4.60
CA ASP A 392 14.50 -26.82 -3.25
C ASP A 392 14.99 -27.78 -2.18
N VAL A 393 15.41 -27.23 -1.05
CA VAL A 393 15.84 -28.03 0.09
C VAL A 393 15.02 -27.65 1.31
N TYR A 394 15.07 -28.50 2.33
CA TYR A 394 14.52 -28.19 3.64
C TYR A 394 15.54 -28.55 4.71
N GLY A 395 15.53 -27.83 5.83
CA GLY A 395 16.41 -28.15 6.95
C GLY A 395 17.87 -27.76 6.77
N ASP A 396 18.12 -26.79 5.90
CA ASP A 396 19.50 -26.35 5.63
C ASP A 396 20.19 -25.88 6.92
N ALA A 397 21.51 -26.10 7.02
CA ALA A 397 22.25 -25.71 8.22
C ALA A 397 22.27 -24.19 8.47
N VAL A 398 22.05 -23.40 7.42
CA VAL A 398 22.14 -21.94 7.58
C VAL A 398 20.81 -21.23 7.35
N TYR A 399 20.10 -21.61 6.29
CA TYR A 399 18.87 -20.94 5.88
C TYR A 399 17.67 -21.85 6.06
N PRO A 400 16.78 -21.50 7.02
CA PRO A 400 15.65 -22.36 7.36
C PRO A 400 14.45 -22.24 6.42
N GLY A 401 13.60 -23.26 6.44
CA GLY A 401 12.41 -23.32 5.61
C GLY A 401 12.62 -24.17 4.38
N VAL A 402 11.65 -24.18 3.48
CA VAL A 402 11.88 -24.74 2.15
C VAL A 402 12.56 -23.64 1.35
N VAL A 403 13.76 -23.93 0.89
CA VAL A 403 14.63 -22.89 0.34
C VAL A 403 15.12 -23.24 -1.05
N GLY A 404 15.00 -22.28 -1.96
CA GLY A 404 15.64 -22.38 -3.25
C GLY A 404 16.86 -21.48 -3.23
N LYS A 405 18.04 -22.07 -3.39
CA LYS A 405 19.27 -21.28 -3.30
C LYS A 405 19.59 -20.62 -4.64
N SER A 406 18.66 -19.79 -5.10
CA SER A 406 18.82 -19.01 -6.32
C SER A 406 17.94 -17.79 -6.19
N ALA A 407 18.34 -16.68 -6.83
CA ALA A 407 17.62 -15.43 -6.66
C ALA A 407 16.26 -15.44 -7.34
N ILE A 408 16.16 -16.19 -8.44
CA ILE A 408 14.96 -16.18 -9.27
C ILE A 408 14.35 -17.58 -9.40
N GLY A 409 13.10 -17.73 -8.95
CA GLY A 409 12.42 -19.00 -9.07
C GLY A 409 11.00 -18.88 -8.58
N GLU A 410 10.34 -20.02 -8.41
CA GLU A 410 8.94 -20.02 -8.01
C GLU A 410 8.69 -20.84 -6.74
N THR A 411 9.77 -21.06 -5.99
CA THR A 411 9.70 -21.72 -4.68
C THR A 411 8.59 -21.15 -3.79
N SER A 412 8.53 -19.82 -3.69
CA SER A 412 7.60 -19.21 -2.76
C SER A 412 6.16 -19.24 -3.25
N TYR A 413 5.96 -19.31 -4.57
CA TYR A 413 4.63 -19.55 -5.13
C TYR A 413 4.14 -20.91 -4.66
N ARG A 414 5.02 -21.90 -4.74
CA ARG A 414 4.62 -23.27 -4.40
C ARG A 414 4.18 -23.41 -2.95
N GLY A 415 4.93 -22.82 -2.02
CA GLY A 415 4.57 -22.87 -0.62
C GLY A 415 3.32 -22.06 -0.31
N PHE A 416 3.19 -20.91 -0.97
CA PHE A 416 1.98 -20.09 -0.82
C PHE A 416 0.74 -20.86 -1.25
N TYR A 417 0.79 -21.47 -2.42
CA TYR A 417 -0.39 -22.16 -2.93
C TYR A 417 -0.64 -23.51 -2.26
N ARG A 418 0.41 -24.17 -1.77
CA ARG A 418 0.20 -25.37 -0.97
C ARG A 418 -0.62 -25.06 0.28
N ALA A 419 -0.26 -23.99 0.99
CA ALA A 419 -1.01 -23.57 2.17
C ALA A 419 -2.43 -23.15 1.80
N TYR A 420 -2.57 -22.37 0.73
CA TYR A 420 -3.87 -21.95 0.24
C TYR A 420 -4.81 -23.14 0.01
N GLN A 421 -4.34 -24.15 -0.72
CA GLN A 421 -5.16 -25.31 -1.04
C GLN A 421 -5.51 -26.10 0.22
N ALA A 422 -4.55 -26.22 1.14
CA ALA A 422 -4.83 -26.93 2.39
C ALA A 422 -5.92 -26.22 3.20
N HIS A 423 -5.91 -24.89 3.19
CA HIS A 423 -6.97 -24.14 3.88
C HIS A 423 -8.33 -24.26 3.20
N VAL A 424 -8.35 -24.11 1.88
CA VAL A 424 -9.60 -24.13 1.10
C VAL A 424 -10.33 -25.46 1.23
N SER A 425 -9.58 -26.54 1.43
CA SER A 425 -10.15 -27.87 1.49
C SER A 425 -10.38 -28.34 2.94
N SER A 426 -10.15 -27.46 3.90
CA SER A 426 -10.26 -27.79 5.32
C SER A 426 -11.35 -26.97 6.00
N SER A 427 -11.99 -27.56 7.01
CA SER A 427 -13.08 -26.91 7.74
C SER A 427 -12.60 -26.17 8.98
N ASN A 428 -11.36 -26.40 9.39
CA ASN A 428 -10.83 -25.80 10.61
C ASN A 428 -9.31 -25.96 10.67
N TRP A 429 -8.69 -25.40 11.70
CA TRP A 429 -7.24 -25.51 11.86
C TRP A 429 -6.73 -26.93 12.01
N ALA A 430 -7.48 -27.77 12.73
CA ALA A 430 -7.04 -29.15 12.94
C ALA A 430 -6.91 -29.86 11.60
N GLU A 431 -7.89 -29.63 10.72
CA GLU A 431 -7.86 -30.22 9.38
C GLU A 431 -6.72 -29.65 8.55
N PHE A 432 -6.46 -28.34 8.67
CA PHE A 432 -5.30 -27.77 7.98
C PHE A 432 -4.01 -28.48 8.42
N GLU A 433 -3.85 -28.66 9.72
CA GLU A 433 -2.64 -29.31 10.25
C GLU A 433 -2.50 -30.72 9.68
N HIS A 434 -3.60 -31.46 9.65
CA HIS A 434 -3.59 -32.82 9.12
C HIS A 434 -3.20 -32.79 7.65
N ALA A 435 -3.67 -31.76 6.94
CA ALA A 435 -3.38 -31.65 5.51
C ALA A 435 -1.97 -31.13 5.26
N SER A 436 -1.26 -30.76 6.33
CA SER A 436 0.04 -30.12 6.18
C SER A 436 1.16 -30.87 6.88
N SER A 437 0.89 -32.11 7.33
CA SER A 437 1.86 -32.84 8.13
C SER A 437 3.11 -33.27 7.34
N THR A 438 3.01 -33.23 6.02
CA THR A 438 4.16 -33.52 5.17
C THR A 438 4.42 -32.37 4.21
N TRP A 439 4.20 -31.14 4.69
CA TRP A 439 4.29 -29.96 3.83
C TRP A 439 5.64 -29.78 3.14
N HIS A 440 6.74 -29.95 3.86
CA HIS A 440 8.04 -29.67 3.24
C HIS A 440 8.45 -30.80 2.29
N THR A 441 8.09 -32.02 2.62
CA THR A 441 8.34 -33.16 1.73
C THR A 441 7.65 -32.97 0.40
N GLU A 442 6.39 -32.52 0.44
CA GLU A 442 5.64 -32.26 -0.78
C GLU A 442 6.35 -31.20 -1.62
N LEU A 443 6.90 -30.17 -0.98
CA LEU A 443 7.52 -29.08 -1.71
C LEU A 443 8.89 -29.42 -2.31
N THR A 444 9.58 -30.39 -1.73
CA THR A 444 10.94 -30.71 -2.18
C THR A 444 11.06 -31.98 -3.04
N LYS A 445 9.93 -32.53 -3.47
CA LYS A 445 9.91 -33.74 -4.31
C LYS A 445 10.80 -33.65 -5.56
N THR A 446 11.11 -34.81 -6.15
CA THR A 446 11.95 -34.90 -7.34
C THR A 446 13.35 -34.32 -7.14
N ILE B 3 -13.22 35.77 5.85
CA ILE B 3 -13.95 34.70 6.51
C ILE B 3 -13.53 34.57 7.97
N ASN B 4 -14.52 34.58 8.86
CA ASN B 4 -14.29 34.27 10.27
C ASN B 4 -14.50 32.77 10.47
N ILE B 5 -13.42 32.02 10.69
CA ILE B 5 -13.55 30.57 10.77
C ILE B 5 -14.10 30.10 12.12
N GLN B 6 -14.22 31.01 13.07
CA GLN B 6 -14.91 30.70 14.30
C GLN B 6 -16.41 30.63 14.04
N GLU B 7 -16.89 31.48 13.13
CA GLU B 7 -18.31 31.45 12.75
C GLU B 7 -18.60 30.44 11.63
N ASP B 8 -17.80 30.46 10.57
CA ASP B 8 -17.93 29.49 9.49
C ASP B 8 -17.16 28.24 9.91
N LYS B 9 -17.78 27.41 10.73
CA LYS B 9 -17.07 26.33 11.43
C LYS B 9 -16.46 25.23 10.55
N LEU B 10 -16.93 25.12 9.31
CA LEU B 10 -16.42 24.08 8.41
C LEU B 10 -15.19 24.52 7.62
N VAL B 11 -14.79 25.79 7.75
CA VAL B 11 -13.69 26.32 6.95
C VAL B 11 -12.35 26.20 7.65
N SER B 12 -11.36 25.70 6.92
CA SER B 12 -10.02 25.54 7.47
C SER B 12 -9.27 26.87 7.40
N ALA B 13 -8.30 27.05 8.30
CA ALA B 13 -7.47 28.26 8.28
C ALA B 13 -6.81 28.44 6.91
N HIS B 14 -6.30 27.34 6.36
CA HIS B 14 -5.64 27.41 5.05
C HIS B 14 -6.59 27.90 3.96
N ASP B 15 -7.79 27.34 3.90
CA ASP B 15 -8.74 27.75 2.87
C ASP B 15 -9.16 29.21 3.01
N ALA B 16 -9.35 29.68 4.24
CA ALA B 16 -9.70 31.06 4.48
C ALA B 16 -8.60 32.01 4.02
N GLU B 17 -7.36 31.59 4.18
CA GLU B 17 -6.22 32.41 3.76
C GLU B 17 -6.17 32.53 2.25
N GLU B 18 -6.43 31.42 1.55
CA GLU B 18 -6.38 31.42 0.10
C GLU B 18 -7.48 32.26 -0.54
N ILE B 19 -8.66 32.26 0.07
CA ILE B 19 -9.77 33.10 -0.39
C ILE B 19 -9.35 34.56 -0.37
N LEU B 20 -8.76 34.98 0.75
CA LEU B 20 -8.38 36.36 0.99
C LEU B 20 -7.48 36.92 -0.11
N ARG B 21 -6.61 36.08 -0.66
CA ARG B 21 -5.66 36.60 -1.63
C ARG B 21 -6.32 36.95 -2.98
N PHE B 22 -7.51 36.40 -3.24
CA PHE B 22 -8.17 36.64 -4.52
C PHE B 22 -9.28 37.68 -4.44
N PHE B 23 -9.79 37.93 -3.25
CA PHE B 23 -10.86 38.91 -3.11
C PHE B 23 -10.35 40.34 -3.12
N ASN B 24 -9.04 40.51 -2.92
CA ASN B 24 -8.44 41.83 -2.86
C ASN B 24 -8.26 42.51 -4.21
N CYS B 25 -7.02 42.63 -4.68
CA CYS B 25 -6.81 43.27 -5.97
C CYS B 25 -7.16 42.34 -7.12
N HIS B 26 -8.33 42.53 -7.71
CA HIS B 26 -8.67 41.79 -8.92
C HIS B 26 -8.10 42.47 -10.16
N ASP B 27 -7.26 41.75 -10.89
CA ASP B 27 -6.73 42.28 -12.12
C ASP B 27 -7.20 41.40 -13.25
N SER B 28 -8.10 41.91 -14.09
CA SER B 28 -8.68 41.13 -15.17
C SER B 28 -7.64 40.61 -16.15
N ALA B 29 -6.65 41.44 -16.46
CA ALA B 29 -5.58 41.06 -17.40
C ALA B 29 -4.79 39.86 -16.88
N LEU B 30 -4.57 39.84 -15.57
CA LEU B 30 -3.85 38.75 -14.93
C LEU B 30 -4.65 37.45 -15.00
N GLN B 31 -5.97 37.54 -14.84
CA GLN B 31 -6.80 36.36 -14.92
C GLN B 31 -6.72 35.76 -16.31
N GLN B 32 -6.71 36.64 -17.31
CA GLN B 32 -6.58 36.21 -18.70
C GLN B 32 -5.24 35.57 -19.03
N GLU B 33 -4.15 36.19 -18.57
CA GLU B 33 -2.81 35.59 -18.74
C GLU B 33 -2.77 34.21 -18.09
N ALA B 34 -3.32 34.10 -16.89
CA ALA B 34 -3.35 32.82 -16.18
C ALA B 34 -4.12 31.77 -16.95
N THR B 35 -5.23 32.18 -17.56
CA THR B 35 -6.05 31.23 -18.32
C THR B 35 -5.27 30.69 -19.52
N THR B 36 -4.58 31.59 -20.21
CA THR B 36 -3.75 31.18 -21.34
C THR B 36 -2.65 30.22 -20.91
N LEU B 37 -1.96 30.57 -19.83
CA LEU B 37 -0.86 29.76 -19.29
C LEU B 37 -1.33 28.35 -18.98
N LEU B 38 -2.48 28.23 -18.32
CA LEU B 38 -2.98 26.93 -17.89
C LEU B 38 -3.56 26.13 -19.05
N THR B 39 -4.16 26.82 -20.00
CA THR B 39 -4.71 26.15 -21.17
C THR B 39 -3.60 25.58 -22.04
N GLN B 40 -2.52 26.34 -22.20
CA GLN B 40 -1.38 25.84 -22.96
C GLN B 40 -0.68 24.70 -22.26
N GLU B 41 -0.55 24.79 -20.93
CA GLU B 41 0.01 23.70 -20.14
C GLU B 41 -0.81 22.43 -20.31
N ALA B 42 -2.14 22.55 -20.19
CA ALA B 42 -3.02 21.40 -20.36
C ALA B 42 -2.96 20.79 -21.75
N HIS B 43 -2.78 21.62 -22.77
CA HIS B 43 -2.66 21.16 -24.13
C HIS B 43 -1.40 20.29 -24.30
N LEU B 44 -0.28 20.79 -23.79
CA LEU B 44 0.99 20.03 -23.86
C LEU B 44 0.86 18.69 -23.16
N LEU B 45 0.24 18.69 -21.97
CA LEU B 45 0.03 17.44 -21.24
C LEU B 45 -0.92 16.51 -22.00
N ASP B 46 -2.01 17.06 -22.54
CA ASP B 46 -2.99 16.21 -23.24
C ASP B 46 -2.41 15.48 -24.43
N ILE B 47 -1.48 16.11 -25.14
CA ILE B 47 -0.88 15.47 -26.30
C ILE B 47 0.37 14.68 -25.92
N GLN B 48 0.61 14.60 -24.61
CA GLN B 48 1.70 13.81 -24.02
C GLN B 48 3.08 14.32 -24.41
N ALA B 49 3.17 15.64 -24.58
CA ALA B 49 4.44 16.32 -24.84
C ALA B 49 5.10 16.62 -23.50
N TYR B 50 5.49 15.57 -22.79
CA TYR B 50 5.97 15.73 -21.45
C TYR B 50 7.31 16.47 -21.38
N ARG B 51 8.16 16.29 -22.38
CA ARG B 51 9.42 17.04 -22.37
C ARG B 51 9.16 18.52 -22.60
N ALA B 52 8.28 18.82 -23.54
CA ALA B 52 7.90 20.21 -23.78
C ALA B 52 7.27 20.85 -22.54
N TRP B 53 6.48 20.07 -21.82
CA TRP B 53 5.86 20.55 -20.59
C TRP B 53 6.94 20.95 -19.58
N LEU B 54 7.89 20.05 -19.34
CA LEU B 54 9.02 20.37 -18.47
C LEU B 54 9.77 21.62 -18.92
N GLU B 55 10.08 21.70 -20.21
CA GLU B 55 10.89 22.78 -20.75
C GLU B 55 10.17 24.12 -20.71
N HIS B 56 8.87 24.09 -20.99
CA HIS B 56 8.13 25.33 -21.18
C HIS B 56 7.30 25.73 -19.97
N CYS B 57 6.94 24.78 -19.13
CA CYS B 57 5.97 25.05 -18.06
C CYS B 57 6.46 24.87 -16.64
N VAL B 58 7.57 24.17 -16.45
CA VAL B 58 7.99 23.79 -15.10
C VAL B 58 9.34 24.41 -14.67
N GLY B 59 9.30 25.14 -13.56
CA GLY B 59 10.48 25.82 -13.06
C GLY B 59 11.48 24.87 -12.42
N SER B 60 12.75 25.24 -12.46
CA SER B 60 13.80 24.39 -11.92
C SER B 60 13.62 24.17 -10.40
N GLU B 61 13.02 25.14 -9.73
CA GLU B 61 12.82 25.05 -8.28
C GLU B 61 11.45 24.51 -7.88
N VAL B 62 10.76 23.85 -8.82
CA VAL B 62 9.40 23.38 -8.58
C VAL B 62 9.27 22.42 -7.40
N GLN B 63 8.17 22.56 -6.67
CA GLN B 63 7.64 21.49 -5.82
C GLN B 63 6.27 21.13 -6.37
N TYR B 64 6.12 19.88 -6.79
CA TYR B 64 4.89 19.40 -7.41
C TYR B 64 4.30 18.37 -6.47
N GLN B 65 3.21 18.74 -5.79
CA GLN B 65 2.74 17.97 -4.65
C GLN B 65 1.25 17.69 -4.71
N VAL B 66 0.90 16.42 -4.52
CA VAL B 66 -0.50 16.00 -4.41
C VAL B 66 -0.60 15.18 -3.13
N ILE B 67 -1.45 15.60 -2.20
CA ILE B 67 -1.59 14.84 -0.96
C ILE B 67 -2.89 14.04 -0.87
N SER B 68 -2.85 13.02 -0.02
CA SER B 68 -4.06 12.31 0.39
C SER B 68 -4.14 12.39 1.91
N ARG B 69 -5.22 13.00 2.38
CA ARG B 69 -5.43 13.31 3.78
C ARG B 69 -6.26 12.21 4.45
N GLU B 70 -5.76 11.67 5.56
CA GLU B 70 -6.51 10.67 6.31
C GLU B 70 -7.82 11.24 6.85
N LEU B 71 -8.87 10.45 6.79
CA LEU B 71 -10.18 10.87 7.30
C LEU B 71 -10.17 10.89 8.81
N ARG B 72 -10.42 12.05 9.39
CA ARG B 72 -10.39 12.23 10.84
C ARG B 72 -11.72 12.83 11.28
N ALA B 73 -12.03 12.69 12.56
CA ALA B 73 -13.27 13.24 13.08
C ALA B 73 -13.25 14.76 13.01
N ALA B 74 -14.38 15.38 12.72
CA ALA B 74 -14.44 16.83 12.65
C ALA B 74 -14.10 17.44 14.01
N SER B 75 -14.37 16.69 15.08
CA SER B 75 -14.16 17.16 16.45
C SER B 75 -12.80 16.75 17.00
N GLU B 76 -11.99 16.09 16.17
CA GLU B 76 -10.69 15.56 16.62
C GLU B 76 -9.70 16.65 17.01
N ARG B 77 -9.08 16.47 18.18
CA ARG B 77 -8.24 17.50 18.76
C ARG B 77 -7.04 16.91 19.51
N ARG B 78 -7.01 15.59 19.66
CA ARG B 78 -5.94 14.91 20.40
C ARG B 78 -4.97 14.11 19.53
N TYR B 79 -5.50 13.37 18.56
CA TYR B 79 -4.67 12.51 17.70
C TYR B 79 -3.85 13.38 16.76
N LYS B 80 -2.55 13.41 16.98
CA LYS B 80 -1.67 14.29 16.22
C LYS B 80 -0.53 13.51 15.59
N LEU B 81 -0.86 12.63 14.66
CA LEU B 81 0.15 11.95 13.87
C LEU B 81 -0.07 12.40 12.43
N ASN B 82 0.92 12.14 11.57
CA ASN B 82 0.90 12.55 10.16
C ASN B 82 -0.49 12.58 9.56
N GLU B 83 -0.96 13.76 9.16
CA GLU B 83 -2.32 13.91 8.66
C GLU B 83 -2.46 13.46 7.22
N ALA B 84 -1.38 13.53 6.46
CA ALA B 84 -1.46 13.25 5.03
C ALA B 84 -0.24 12.48 4.55
N MET B 85 -0.39 11.79 3.43
CA MET B 85 0.76 11.25 2.72
C MET B 85 0.90 11.95 1.38
N ASN B 86 2.05 11.83 0.75
CA ASN B 86 2.32 12.47 -0.54
C ASN B 86 2.17 11.48 -1.69
N VAL B 87 1.10 11.64 -2.47
CA VAL B 87 0.95 10.87 -3.69
C VAL B 87 2.04 11.31 -4.68
N TYR B 88 2.24 12.63 -4.74
CA TYR B 88 3.38 13.24 -5.41
C TYR B 88 4.00 14.24 -4.45
N ASN B 89 5.32 14.38 -4.49
CA ASN B 89 6.03 15.48 -3.84
C ASN B 89 7.37 15.61 -4.51
N GLU B 90 7.35 16.16 -5.73
CA GLU B 90 8.45 16.03 -6.67
C GLU B 90 9.19 17.34 -6.87
N ASN B 91 10.51 17.26 -6.90
CA ASN B 91 11.34 18.34 -7.43
C ASN B 91 11.50 18.13 -8.94
N PHE B 92 12.26 19.01 -9.60
CA PHE B 92 12.39 18.95 -11.05
C PHE B 92 12.98 17.62 -11.50
N GLN B 93 14.05 17.18 -10.83
CA GLN B 93 14.68 15.93 -11.24
C GLN B 93 13.74 14.74 -11.08
N GLN B 94 12.90 14.76 -10.04
CA GLN B 94 11.93 13.69 -9.85
C GLN B 94 10.83 13.71 -10.90
N LEU B 95 10.36 14.89 -11.28
CA LEU B 95 9.45 15.00 -12.42
C LEU B 95 10.10 14.45 -13.69
N LYS B 96 11.38 14.74 -13.87
CA LYS B 96 12.10 14.26 -15.05
C LYS B 96 12.15 12.73 -15.09
N VAL B 97 12.37 12.11 -13.93
CA VAL B 97 12.33 10.65 -13.84
C VAL B 97 10.97 10.14 -14.31
N ARG B 98 9.90 10.76 -13.84
CA ARG B 98 8.55 10.34 -14.23
C ARG B 98 8.33 10.53 -15.72
N VAL B 99 8.85 11.62 -16.28
CA VAL B 99 8.73 11.87 -17.70
C VAL B 99 9.49 10.83 -18.52
N GLU B 100 10.70 10.50 -18.09
CA GLU B 100 11.48 9.47 -18.77
C GLU B 100 10.76 8.13 -18.72
N HIS B 101 10.12 7.84 -17.59
CA HIS B 101 9.35 6.61 -17.44
C HIS B 101 8.18 6.56 -18.44
N GLN B 102 7.53 7.70 -18.65
CA GLN B 102 6.44 7.78 -19.63
C GLN B 102 6.94 7.55 -21.05
N LEU B 103 8.14 8.05 -21.35
CA LEU B 103 8.64 8.04 -22.72
C LEU B 103 9.41 6.77 -23.08
N ASP B 104 9.71 5.95 -22.08
CA ASP B 104 10.53 4.76 -22.29
C ASP B 104 9.81 3.78 -23.21
N PRO B 105 10.51 3.26 -24.22
CA PRO B 105 9.82 2.37 -25.16
C PRO B 105 9.47 1.01 -24.57
N GLN B 106 9.96 0.72 -23.37
CA GLN B 106 9.57 -0.51 -22.69
C GLN B 106 8.56 -0.26 -21.57
N ASN B 107 7.96 0.92 -21.58
CA ASN B 107 6.79 1.14 -20.74
C ASN B 107 5.59 0.48 -21.44
N TRP B 108 5.35 -0.78 -21.11
CA TRP B 108 4.36 -1.58 -21.83
C TRP B 108 2.96 -1.00 -21.67
N GLY B 109 2.70 -0.38 -20.53
CA GLY B 109 1.39 0.18 -20.26
C GLY B 109 0.98 1.30 -21.19
N ASN B 110 1.95 1.85 -21.92
CA ASN B 110 1.68 2.95 -22.84
C ASN B 110 1.44 2.51 -24.28
N SER B 111 1.26 1.21 -24.48
CA SER B 111 0.93 0.70 -25.80
C SER B 111 -0.27 -0.23 -25.66
N PRO B 112 -1.39 0.08 -26.35
CA PRO B 112 -1.57 1.21 -27.26
C PRO B 112 -1.60 2.55 -26.54
N LYS B 113 -1.33 3.62 -27.29
CA LYS B 113 -1.16 4.96 -26.74
C LYS B 113 -2.38 5.37 -25.93
N LEU B 114 -2.14 5.98 -24.77
CA LEU B 114 -3.19 6.52 -23.91
C LEU B 114 -3.85 7.73 -24.56
N ARG B 115 -5.06 8.07 -24.09
CA ARG B 115 -5.72 9.31 -24.52
C ARG B 115 -6.09 10.15 -23.32
N PHE B 116 -5.63 11.39 -23.32
CA PHE B 116 -5.90 12.34 -22.25
C PHE B 116 -6.71 13.53 -22.74
N THR B 117 -7.67 13.95 -21.93
CA THR B 117 -8.43 15.18 -22.19
C THR B 117 -8.60 15.92 -20.87
N ARG B 118 -8.12 17.16 -20.80
CA ARG B 118 -8.18 17.97 -19.58
C ARG B 118 -9.14 19.15 -19.74
N PHE B 119 -9.89 19.41 -18.67
CA PHE B 119 -10.82 20.53 -18.64
C PHE B 119 -10.43 21.42 -17.47
N ILE B 120 -9.96 22.63 -17.78
CA ILE B 120 -9.49 23.57 -16.77
C ILE B 120 -10.52 24.68 -16.60
N THR B 121 -10.98 24.89 -15.37
CA THR B 121 -12.01 25.89 -15.08
C THR B 121 -11.69 26.70 -13.82
N ASN B 122 -12.53 27.69 -13.52
CA ASN B 122 -12.46 28.43 -12.25
C ASN B 122 -11.11 29.09 -12.01
N VAL B 123 -10.52 29.65 -13.05
CA VAL B 123 -9.19 30.24 -12.92
C VAL B 123 -9.24 31.55 -12.14
N GLN B 124 -8.38 31.66 -11.12
CA GLN B 124 -8.19 32.91 -10.39
C GLN B 124 -6.70 33.19 -10.30
N ALA B 125 -6.34 34.46 -10.32
CA ALA B 125 -4.93 34.85 -10.30
C ALA B 125 -4.72 36.09 -9.46
N ALA B 126 -3.62 36.12 -8.71
CA ALA B 126 -3.26 37.26 -7.89
C ALA B 126 -1.76 37.29 -7.69
N MET B 127 -1.14 38.45 -7.88
CA MET B 127 0.28 38.58 -7.58
C MET B 127 0.50 38.45 -6.06
N ASP B 128 1.63 37.88 -5.69
CA ASP B 128 2.03 37.83 -4.29
C ASP B 128 2.27 39.24 -3.76
N VAL B 129 1.95 39.44 -2.49
CA VAL B 129 2.10 40.75 -1.84
C VAL B 129 3.57 41.12 -1.65
N ASN B 130 4.37 40.16 -1.22
CA ASN B 130 5.77 40.40 -0.88
C ASN B 130 6.74 40.17 -2.03
N ASP B 131 6.43 39.20 -2.88
CA ASP B 131 7.25 38.91 -4.06
C ASP B 131 6.46 39.29 -5.31
N LYS B 132 6.66 40.51 -5.80
CA LYS B 132 5.90 41.01 -6.95
C LYS B 132 6.18 40.26 -8.25
N GLU B 133 7.04 39.26 -8.19
CA GLU B 133 7.30 38.41 -9.34
C GLU B 133 6.71 37.01 -9.16
N LEU B 134 6.02 36.80 -8.04
CA LEU B 134 5.37 35.53 -7.80
C LEU B 134 3.88 35.62 -8.07
N LEU B 135 3.40 34.79 -8.99
CA LEU B 135 1.99 34.78 -9.35
C LEU B 135 1.26 33.58 -8.73
N HIS B 136 0.25 33.86 -7.91
CA HIS B 136 -0.62 32.79 -7.40
C HIS B 136 -1.74 32.52 -8.39
N ILE B 137 -1.90 31.26 -8.80
CA ILE B 137 -2.98 30.88 -9.70
C ILE B 137 -3.74 29.70 -9.11
N ARG B 138 -5.06 29.85 -8.99
CA ARG B 138 -5.92 28.75 -8.56
C ARG B 138 -6.76 28.31 -9.75
N SER B 139 -6.95 27.00 -9.91
CA SER B 139 -7.80 26.47 -10.97
C SER B 139 -8.23 25.05 -10.64
N ASN B 140 -9.35 24.63 -11.22
CA ASN B 140 -9.86 23.28 -11.03
C ASN B 140 -9.68 22.49 -12.31
N VAL B 141 -9.44 21.18 -12.18
CA VAL B 141 -9.25 20.33 -13.34
C VAL B 141 -10.14 19.09 -13.27
N ILE B 142 -10.77 18.77 -14.40
CA ILE B 142 -11.30 17.45 -14.68
C ILE B 142 -10.34 16.81 -15.67
N LEU B 143 -9.82 15.64 -15.34
CA LEU B 143 -8.86 14.97 -16.22
C LEU B 143 -9.41 13.61 -16.59
N HIS B 144 -9.61 13.40 -17.88
CA HIS B 144 -10.17 12.17 -18.41
C HIS B 144 -9.05 11.37 -19.06
N ARG B 145 -8.85 10.14 -18.60
CA ARG B 145 -7.85 9.24 -19.19
C ARG B 145 -8.54 7.98 -19.73
N ALA B 146 -8.35 7.70 -21.01
CA ALA B 146 -8.94 6.51 -21.63
C ALA B 146 -7.86 5.63 -22.21
N ARG B 147 -8.00 4.32 -22.01
CA ARG B 147 -7.00 3.39 -22.54
C ARG B 147 -7.59 2.00 -22.74
N ARG B 148 -6.99 1.23 -23.62
CA ARG B 148 -7.26 -0.20 -23.73
C ARG B 148 -8.73 -0.55 -23.98
N GLY B 149 -9.39 0.26 -24.80
CA GLY B 149 -10.75 -0.03 -25.25
C GLY B 149 -11.84 0.46 -24.34
N ASN B 150 -11.83 -0.01 -23.09
CA ASN B 150 -12.91 0.29 -22.18
C ASN B 150 -12.50 0.75 -20.78
N GLN B 151 -11.24 1.15 -20.62
CA GLN B 151 -10.82 1.72 -19.35
C GLN B 151 -10.96 3.23 -19.41
N VAL B 152 -11.72 3.79 -18.48
CA VAL B 152 -11.96 5.21 -18.42
C VAL B 152 -11.83 5.68 -16.98
N ASP B 153 -10.93 6.62 -16.74
CA ASP B 153 -10.72 7.13 -15.39
C ASP B 153 -10.82 8.64 -15.40
N VAL B 154 -11.64 9.19 -14.50
CA VAL B 154 -11.84 10.63 -14.44
C VAL B 154 -11.40 11.16 -13.09
N PHE B 155 -10.50 12.12 -13.13
CA PHE B 155 -9.95 12.75 -11.94
C PHE B 155 -10.51 14.17 -11.77
N TYR B 156 -10.68 14.60 -10.53
CA TYR B 156 -11.26 15.90 -10.20
C TYR B 156 -10.42 16.54 -9.10
N ALA B 157 -10.00 17.79 -9.26
CA ALA B 157 -9.12 18.42 -8.26
C ALA B 157 -9.09 19.93 -8.37
N ALA B 158 -8.80 20.56 -7.23
CA ALA B 158 -8.47 21.98 -7.19
C ALA B 158 -6.97 22.12 -7.07
N ARG B 159 -6.38 23.04 -7.82
CA ARG B 159 -4.94 23.23 -7.82
C ARG B 159 -4.54 24.60 -7.31
N GLU B 160 -3.68 24.62 -6.29
CA GLU B 160 -3.10 25.87 -5.82
C GLU B 160 -1.68 25.98 -6.35
N ASP B 161 -1.50 26.87 -7.33
CA ASP B 161 -0.20 27.04 -7.99
C ASP B 161 0.48 28.34 -7.61
N LYS B 162 1.81 28.31 -7.69
CA LYS B 162 2.62 29.52 -7.77
C LYS B 162 3.43 29.44 -9.06
N TRP B 163 3.42 30.53 -9.83
CA TRP B 163 4.15 30.59 -11.09
C TRP B 163 5.09 31.80 -11.05
N LYS B 164 6.25 31.67 -11.68
CA LYS B 164 7.23 32.74 -11.65
C LYS B 164 7.97 32.82 -12.97
N ARG B 165 8.32 34.03 -13.39
CA ARG B 165 9.09 34.22 -14.62
C ARG B 165 10.50 33.64 -14.51
N GLY B 166 10.83 32.78 -15.47
CA GLY B 166 12.14 32.15 -15.50
C GLY B 166 12.91 32.46 -16.77
N GLU B 167 13.49 31.43 -17.37
CA GLU B 167 14.32 31.56 -18.56
C GLU B 167 13.55 32.24 -19.69
N GLY B 168 14.12 33.30 -20.24
CA GLY B 168 13.51 33.99 -21.36
C GLY B 168 12.27 34.78 -20.97
N GLY B 169 12.03 34.91 -19.67
CA GLY B 169 10.88 35.65 -19.18
C GLY B 169 9.59 34.86 -19.18
N VAL B 170 9.70 33.57 -19.49
CA VAL B 170 8.55 32.67 -19.54
C VAL B 170 8.09 32.29 -18.13
N ARG B 171 6.79 32.48 -17.85
CA ARG B 171 6.22 32.12 -16.56
C ARG B 171 6.18 30.60 -16.42
N LYS B 172 6.77 30.08 -15.35
CA LYS B 172 6.79 28.65 -15.11
C LYS B 172 6.32 28.29 -13.71
N LEU B 173 5.82 27.06 -13.59
CA LEU B 173 5.28 26.54 -12.34
C LEU B 173 6.40 26.34 -11.33
N VAL B 174 6.30 27.00 -10.18
CA VAL B 174 7.27 26.78 -9.11
C VAL B 174 6.69 26.02 -7.92
N GLN B 175 5.35 25.95 -7.86
CA GLN B 175 4.70 25.08 -6.88
C GLN B 175 3.30 24.74 -7.35
N ARG B 176 2.95 23.45 -7.30
CA ARG B 176 1.55 23.05 -7.41
C ARG B 176 1.22 22.24 -6.17
N PHE B 177 0.10 22.58 -5.54
CA PHE B 177 -0.40 21.85 -4.39
C PHE B 177 -1.83 21.40 -4.66
N VAL B 178 -2.06 20.10 -4.55
CA VAL B 178 -3.39 19.52 -4.69
C VAL B 178 -3.65 18.65 -3.48
N ASP B 179 -4.79 18.87 -2.83
CA ASP B 179 -5.27 18.02 -1.75
C ASP B 179 -6.34 17.15 -2.38
N TYR B 180 -6.00 15.91 -2.76
CA TYR B 180 -6.91 15.14 -3.60
C TYR B 180 -8.21 14.83 -2.86
N PRO B 181 -9.36 15.12 -3.50
CA PRO B 181 -10.62 15.08 -2.74
C PRO B 181 -11.16 13.67 -2.44
N GLU B 182 -10.76 12.67 -3.23
CA GLU B 182 -11.20 11.29 -2.96
C GLU B 182 -10.12 10.55 -2.16
N ARG B 183 -10.51 10.00 -1.01
CA ARG B 183 -9.55 9.31 -0.15
C ARG B 183 -9.09 7.98 -0.73
N ILE B 184 -10.04 7.17 -1.20
CA ILE B 184 -9.71 5.89 -1.83
C ILE B 184 -9.89 6.06 -3.33
N LEU B 185 -8.80 5.94 -4.08
CA LEU B 185 -8.87 6.16 -5.52
C LEU B 185 -9.62 5.03 -6.22
N GLN B 186 -10.52 5.39 -7.13
CA GLN B 186 -11.27 4.40 -7.90
C GLN B 186 -10.89 4.48 -9.38
N THR B 187 -9.62 4.82 -9.62
CA THR B 187 -9.11 5.09 -10.95
C THR B 187 -7.89 4.23 -11.30
N HIS B 188 -7.73 3.10 -10.60
CA HIS B 188 -6.62 2.15 -10.77
C HIS B 188 -5.27 2.69 -10.23
N ASN B 189 -5.03 3.98 -10.41
CA ASN B 189 -3.84 4.65 -9.91
C ASN B 189 -4.02 6.16 -10.02
N LEU B 190 -3.04 6.94 -9.57
CA LEU B 190 -3.07 8.39 -9.82
C LEU B 190 -1.91 8.81 -10.71
N MET B 191 -1.61 7.96 -11.69
CA MET B 191 -0.47 8.17 -12.58
C MET B 191 -0.77 9.18 -13.68
N VAL B 192 -1.29 10.33 -13.29
CA VAL B 192 -1.54 11.43 -14.22
C VAL B 192 -1.01 12.70 -13.61
N PHE B 193 -0.58 13.63 -14.46
CA PHE B 193 -0.14 14.94 -13.98
C PHE B 193 -1.35 15.84 -13.86
N LEU B 194 -1.80 16.05 -12.64
CA LEU B 194 -2.87 16.99 -12.36
C LEU B 194 -2.32 18.40 -12.51
#